data_7M1D
#
_entry.id   7M1D
#
_entity_poly.entity_id   1
_entity_poly.type   'polypeptide(L)'
_entity_poly.pdbx_seq_one_letter_code
;GVHKMAKNEFQCMANMDMLGNCEKHCQTSGEKGYCHGTKCKCGTPLSY
;
_entity_poly.pdbx_strand_id   A
#
# COMPACT_ATOMS: atom_id res chain seq x y z
N GLY A 1 9.39 -9.68 -9.18
CA GLY A 1 9.71 -11.11 -9.22
C GLY A 1 8.96 -11.91 -8.16
N VAL A 2 9.44 -11.88 -6.91
CA VAL A 2 8.96 -12.73 -5.78
C VAL A 2 7.56 -12.40 -5.27
N HIS A 3 7.02 -11.21 -5.60
CA HIS A 3 5.73 -10.71 -5.09
C HIS A 3 5.16 -9.64 -6.03
N LYS A 4 3.83 -9.51 -6.13
CA LYS A 4 3.15 -8.41 -6.84
C LYS A 4 3.50 -7.05 -6.22
N MET A 5 4.15 -6.20 -7.01
CA MET A 5 4.78 -4.94 -6.58
C MET A 5 4.50 -3.81 -7.59
N ALA A 6 3.22 -3.59 -7.91
CA ALA A 6 2.76 -2.51 -8.79
C ALA A 6 1.31 -2.09 -8.47
N LYS A 7 0.87 -0.92 -8.96
CA LYS A 7 -0.46 -0.35 -8.74
C LYS A 7 -1.62 -1.13 -9.38
N ASN A 8 -1.33 -2.03 -10.33
CA ASN A 8 -2.30 -2.78 -11.12
C ASN A 8 -3.21 -3.76 -10.32
N GLU A 9 -2.66 -4.45 -9.33
CA GLU A 9 -3.30 -5.53 -8.57
C GLU A 9 -3.65 -5.10 -7.13
N PHE A 10 -4.66 -5.72 -6.52
CA PHE A 10 -5.27 -5.43 -5.20
C PHE A 10 -5.89 -4.03 -5.03
N GLN A 11 -5.25 -2.98 -5.55
CA GLN A 11 -5.69 -1.57 -5.61
C GLN A 11 -6.17 -1.00 -4.25
N CYS A 12 -5.66 -1.54 -3.13
CA CYS A 12 -6.12 -1.29 -1.77
C CYS A 12 -7.65 -1.47 -1.57
N MET A 13 -8.29 -2.36 -2.34
CA MET A 13 -9.75 -2.59 -2.33
C MET A 13 -10.15 -4.06 -2.15
N ALA A 14 -9.24 -5.03 -2.33
CA ALA A 14 -9.56 -6.46 -2.23
C ALA A 14 -10.22 -6.85 -0.88
N ASN A 15 -11.30 -7.63 -0.95
CA ASN A 15 -12.24 -7.93 0.15
C ASN A 15 -11.69 -8.66 1.40
N MET A 16 -10.37 -8.85 1.50
CA MET A 16 -9.66 -9.44 2.64
C MET A 16 -8.24 -8.92 2.84
N ASP A 17 -7.82 -7.87 2.12
CA ASP A 17 -6.46 -7.29 2.17
C ASP A 17 -6.42 -5.74 2.13
N MET A 18 -7.57 -5.06 2.06
CA MET A 18 -7.71 -3.61 1.89
C MET A 18 -7.16 -2.73 3.04
N LEU A 19 -6.85 -3.31 4.20
CA LEU A 19 -6.36 -2.60 5.38
C LEU A 19 -4.82 -2.63 5.46
N GLY A 20 -4.16 -2.25 4.35
CA GLY A 20 -2.70 -2.29 4.19
C GLY A 20 -1.97 -1.48 5.25
N ASN A 21 -1.15 -2.12 6.09
CA ASN A 21 -0.53 -1.52 7.29
C ASN A 21 0.63 -0.54 7.05
N CYS A 22 0.74 0.02 5.84
CA CYS A 22 1.84 0.86 5.36
C CYS A 22 1.33 2.17 4.73
N GLU A 23 0.28 2.77 5.31
CA GLU A 23 -0.44 3.92 4.76
C GLU A 23 0.38 5.22 4.68
N LYS A 24 1.35 5.45 5.58
CA LYS A 24 2.35 6.53 5.48
C LYS A 24 3.75 6.08 5.04
N HIS A 25 4.11 4.81 5.25
CA HIS A 25 5.49 4.31 5.07
C HIS A 25 6.04 4.49 3.65
N CYS A 26 5.16 4.56 2.64
CA CYS A 26 5.50 4.84 1.26
C CYS A 26 5.66 6.33 0.96
N GLN A 27 4.65 7.17 1.24
CA GLN A 27 4.71 8.61 0.99
C GLN A 27 5.81 9.31 1.80
N THR A 28 6.12 8.81 3.01
CA THR A 28 7.22 9.38 3.80
C THR A 28 8.60 9.10 3.17
N SER A 29 8.70 8.07 2.35
CA SER A 29 9.84 7.74 1.48
C SER A 29 9.73 8.35 0.07
N GLY A 30 8.59 8.97 -0.29
CA GLY A 30 8.29 9.50 -1.62
C GLY A 30 7.87 8.47 -2.69
N GLU A 31 7.73 7.19 -2.33
CA GLU A 31 7.40 6.08 -3.25
C GLU A 31 5.93 5.64 -3.11
N LYS A 32 5.45 4.70 -3.94
CA LYS A 32 4.02 4.32 -4.00
C LYS A 32 3.71 3.02 -3.26
N GLY A 33 2.70 3.04 -2.39
CA GLY A 33 2.17 1.91 -1.62
C GLY A 33 1.24 0.93 -2.34
N TYR A 34 1.39 -0.35 -1.97
CA TYR A 34 0.64 -1.53 -2.39
C TYR A 34 0.04 -2.23 -1.14
N CYS A 35 -1.24 -2.58 -1.13
CA CYS A 35 -1.91 -3.09 0.07
C CYS A 35 -2.20 -4.60 0.00
N HIS A 36 -1.40 -5.41 0.70
CA HIS A 36 -1.60 -6.86 0.84
C HIS A 36 -1.87 -7.22 2.33
N GLY A 37 -2.71 -6.45 3.02
CA GLY A 37 -2.92 -6.58 4.47
C GLY A 37 -1.67 -6.22 5.27
N THR A 38 -1.09 -7.19 6.01
CA THR A 38 0.17 -7.01 6.77
C THR A 38 1.43 -7.09 5.89
N LYS A 39 1.28 -7.59 4.65
CA LYS A 39 2.33 -7.87 3.64
C LYS A 39 2.42 -6.80 2.56
N CYS A 40 2.15 -5.63 3.07
CA CYS A 40 2.03 -4.29 2.53
C CYS A 40 3.44 -3.82 2.23
N LYS A 41 3.64 -3.41 1.00
CA LYS A 41 4.92 -2.90 0.50
C LYS A 41 4.76 -1.59 -0.24
N CYS A 42 5.86 -0.84 -0.39
CA CYS A 42 5.90 0.32 -1.27
C CYS A 42 6.76 0.00 -2.51
N GLY A 43 6.89 0.92 -3.46
CA GLY A 43 7.76 0.78 -4.61
C GLY A 43 7.85 2.04 -5.46
N THR A 44 9.00 2.25 -6.10
CA THR A 44 9.22 3.34 -7.06
C THR A 44 8.19 3.27 -8.21
N PRO A 45 7.70 4.43 -8.71
CA PRO A 45 6.79 4.48 -9.87
C PRO A 45 7.45 4.11 -11.22
N LEU A 46 8.79 4.00 -11.28
CA LEU A 46 9.60 3.52 -12.42
C LEU A 46 9.47 4.31 -13.74
N SER A 47 10.35 4.00 -14.69
CA SER A 47 10.49 4.65 -15.99
C SER A 47 11.06 3.70 -17.05
N TYR A 48 10.85 4.05 -18.33
CA TYR A 48 11.41 3.36 -19.51
C TYR A 48 11.81 4.34 -20.61
N GLY A 1 -28.68 -1.04 0.59
CA GLY A 1 -27.47 -0.27 0.29
C GLY A 1 -26.36 -0.65 1.24
N VAL A 2 -25.63 0.35 1.73
CA VAL A 2 -24.50 0.23 2.68
C VAL A 2 -24.59 1.35 3.74
N HIS A 3 -24.28 1.04 4.99
CA HIS A 3 -24.16 2.04 6.07
C HIS A 3 -22.92 1.82 6.97
N LYS A 4 -22.32 0.62 6.97
CA LYS A 4 -21.10 0.28 7.72
C LYS A 4 -19.82 0.94 7.15
N MET A 5 -18.73 0.86 7.91
CA MET A 5 -17.47 1.60 7.71
C MET A 5 -16.79 1.48 6.32
N ALA A 6 -17.12 0.47 5.51
CA ALA A 6 -16.61 0.33 4.12
C ALA A 6 -16.87 1.56 3.21
N LYS A 7 -17.79 2.47 3.57
CA LYS A 7 -18.02 3.75 2.86
C LYS A 7 -16.73 4.57 2.66
N ASN A 8 -15.83 4.55 3.64
CA ASN A 8 -14.59 5.35 3.68
C ASN A 8 -13.31 4.55 3.34
N GLU A 9 -13.45 3.35 2.78
CA GLU A 9 -12.31 2.47 2.46
C GLU A 9 -11.29 3.10 1.50
N PHE A 10 -10.02 2.73 1.67
CA PHE A 10 -8.87 3.20 0.87
C PHE A 10 -8.53 2.26 -0.31
N GLN A 11 -9.36 1.23 -0.53
CA GLN A 11 -9.27 0.21 -1.59
C GLN A 11 -8.01 -0.67 -1.54
N CYS A 12 -7.42 -0.79 -0.35
CA CYS A 12 -6.36 -1.74 0.01
C CYS A 12 -6.95 -3.17 0.10
N MET A 13 -6.11 -4.22 0.02
CA MET A 13 -6.55 -5.61 0.18
C MET A 13 -6.99 -5.96 1.62
N ALA A 14 -6.62 -5.13 2.61
CA ALA A 14 -7.14 -5.19 3.98
C ALA A 14 -8.54 -4.57 4.08
N ASN A 15 -9.50 -5.31 4.65
CA ASN A 15 -10.90 -4.91 4.83
C ASN A 15 -11.13 -3.95 6.02
N MET A 16 -10.06 -3.30 6.49
CA MET A 16 -9.98 -2.40 7.63
C MET A 16 -8.99 -1.24 7.39
N ASP A 17 -8.83 -0.81 6.14
CA ASP A 17 -7.91 0.28 5.76
C ASP A 17 -8.37 1.68 6.23
N MET A 18 -9.61 1.80 6.70
CA MET A 18 -10.14 2.98 7.41
C MET A 18 -9.81 2.97 8.91
N LEU A 19 -9.16 1.90 9.43
CA LEU A 19 -8.66 1.78 10.81
C LEU A 19 -7.12 1.89 10.90
N GLY A 20 -6.44 2.11 9.76
CA GLY A 20 -4.98 2.20 9.66
C GLY A 20 -4.51 2.03 8.22
N ASN A 21 -3.54 2.84 7.79
CA ASN A 21 -3.12 2.94 6.39
C ASN A 21 -1.62 2.65 6.19
N CYS A 22 -1.29 1.55 5.51
CA CYS A 22 0.08 1.10 5.29
C CYS A 22 0.84 1.85 4.18
N GLU A 23 0.16 2.55 3.28
CA GLU A 23 0.77 3.23 2.14
C GLU A 23 1.61 4.46 2.55
N LYS A 24 1.20 5.13 3.63
CA LYS A 24 1.80 6.38 4.13
C LYS A 24 3.28 6.21 4.52
N HIS A 25 3.67 5.06 5.08
CA HIS A 25 5.06 4.73 5.40
C HIS A 25 5.98 4.72 4.17
N CYS A 26 5.47 4.38 2.98
CA CYS A 26 6.21 4.53 1.73
C CYS A 26 6.27 5.99 1.26
N GLN A 27 5.12 6.69 1.26
CA GLN A 27 5.01 8.08 0.82
C GLN A 27 5.77 9.09 1.70
N THR A 28 6.04 8.79 2.98
CA THR A 28 6.85 9.68 3.83
C THR A 28 8.35 9.68 3.42
N SER A 29 8.80 8.65 2.69
CA SER A 29 10.09 8.69 1.98
C SER A 29 9.87 9.34 0.60
N GLY A 30 8.87 8.82 -0.14
CA GLY A 30 8.45 9.30 -1.45
C GLY A 30 8.04 8.18 -2.43
N GLU A 31 7.86 6.94 -1.97
CA GLU A 31 7.49 5.79 -2.81
C GLU A 31 5.98 5.50 -2.80
N LYS A 32 5.46 5.04 -3.94
CA LYS A 32 4.03 4.77 -4.20
C LYS A 32 3.44 3.66 -3.32
N GLY A 33 4.17 2.56 -3.11
CA GLY A 33 3.76 1.39 -2.33
C GLY A 33 2.56 0.57 -2.87
N TYR A 34 2.44 -0.64 -2.34
CA TYR A 34 1.47 -1.69 -2.67
C TYR A 34 0.78 -2.13 -1.37
N CYS A 35 -0.56 -2.09 -1.33
CA CYS A 35 -1.31 -2.31 -0.10
C CYS A 35 -2.01 -3.69 -0.10
N HIS A 36 -1.29 -4.71 0.38
CA HIS A 36 -1.80 -6.06 0.66
C HIS A 36 -2.55 -6.04 2.02
N GLY A 37 -2.62 -7.16 2.75
CA GLY A 37 -3.04 -7.19 4.15
C GLY A 37 -1.95 -6.58 5.06
N THR A 38 -1.56 -7.25 6.15
CA THR A 38 -0.36 -6.92 6.97
C THR A 38 0.94 -7.38 6.27
N LYS A 39 0.98 -7.13 4.95
CA LYS A 39 1.91 -7.68 3.95
C LYS A 39 2.32 -6.70 2.83
N CYS A 40 1.84 -5.48 3.00
CA CYS A 40 1.88 -4.26 2.23
C CYS A 40 3.31 -3.73 2.20
N LYS A 41 3.79 -3.50 0.98
CA LYS A 41 5.21 -3.24 0.67
C LYS A 41 5.42 -1.89 -0.03
N CYS A 42 6.66 -1.40 -0.16
CA CYS A 42 6.95 -0.14 -0.87
C CYS A 42 7.57 -0.34 -2.28
N GLY A 43 7.38 0.65 -3.17
CA GLY A 43 7.96 0.71 -4.52
C GLY A 43 7.54 1.97 -5.30
N THR A 44 8.32 2.38 -6.31
CA THR A 44 8.11 3.60 -7.14
C THR A 44 7.28 3.32 -8.40
N PRO A 45 6.65 4.33 -9.05
CA PRO A 45 5.83 4.17 -10.25
C PRO A 45 6.62 4.05 -11.58
N LEU A 46 7.95 3.97 -11.51
CA LEU A 46 8.89 3.75 -12.63
C LEU A 46 8.65 4.67 -13.83
N SER A 47 8.85 5.95 -13.58
CA SER A 47 8.61 7.06 -14.52
C SER A 47 9.86 7.57 -15.26
N TYR A 48 11.07 7.26 -14.78
CA TYR A 48 12.35 7.71 -15.36
C TYR A 48 13.49 6.72 -15.08
N GLY A 1 -4.63 -11.33 -12.67
CA GLY A 1 -3.77 -12.30 -11.95
C GLY A 1 -4.42 -12.72 -10.65
N VAL A 2 -3.71 -13.47 -9.81
CA VAL A 2 -4.20 -13.96 -8.51
C VAL A 2 -4.14 -12.84 -7.45
N HIS A 3 -5.24 -12.64 -6.71
CA HIS A 3 -5.39 -11.54 -5.73
C HIS A 3 -4.34 -11.56 -4.62
N LYS A 4 -3.85 -12.76 -4.23
CA LYS A 4 -2.75 -12.96 -3.28
C LYS A 4 -1.41 -12.32 -3.71
N MET A 5 -1.30 -11.90 -4.98
CA MET A 5 -0.14 -11.24 -5.58
C MET A 5 -0.51 -9.94 -6.35
N ALA A 6 -1.67 -9.32 -6.05
CA ALA A 6 -2.12 -8.07 -6.67
C ALA A 6 -1.75 -6.82 -5.86
N LYS A 7 -1.45 -5.71 -6.56
CA LYS A 7 -0.97 -4.42 -5.99
C LYS A 7 -2.05 -3.38 -5.73
N ASN A 8 -3.21 -3.52 -6.41
CA ASN A 8 -4.35 -2.60 -6.37
C ASN A 8 -5.62 -3.30 -5.83
N GLU A 9 -5.49 -4.33 -4.99
CA GLU A 9 -6.63 -5.17 -4.62
C GLU A 9 -7.62 -4.44 -3.69
N PHE A 10 -8.92 -4.60 -3.96
CA PHE A 10 -10.00 -4.01 -3.16
C PHE A 10 -9.92 -4.46 -1.69
N GLN A 11 -9.99 -3.49 -0.77
CA GLN A 11 -9.81 -3.68 0.67
C GLN A 11 -8.48 -4.37 1.04
N CYS A 12 -7.42 -4.16 0.24
CA CYS A 12 -6.07 -4.71 0.44
C CYS A 12 -6.05 -6.25 0.53
N MET A 13 -6.81 -6.96 -0.30
CA MET A 13 -7.05 -8.41 -0.23
C MET A 13 -7.52 -8.91 1.16
N ALA A 14 -8.19 -8.05 1.92
CA ALA A 14 -8.82 -8.30 3.21
C ALA A 14 -10.29 -7.81 3.21
N ASN A 15 -10.90 -7.61 4.38
CA ASN A 15 -12.29 -7.17 4.52
C ASN A 15 -12.42 -5.67 4.89
N MET A 16 -11.33 -5.00 5.31
CA MET A 16 -11.30 -3.56 5.63
C MET A 16 -9.92 -2.92 5.39
N ASP A 17 -9.89 -1.61 5.07
CA ASP A 17 -8.68 -0.86 4.66
C ASP A 17 -8.28 0.29 5.60
N MET A 18 -8.74 0.28 6.86
CA MET A 18 -8.52 1.38 7.81
C MET A 18 -7.08 1.48 8.37
N LEU A 19 -6.30 0.40 8.29
CA LEU A 19 -4.94 0.29 8.84
C LEU A 19 -3.95 1.32 8.23
N GLY A 20 -3.88 1.42 6.91
CA GLY A 20 -3.16 2.48 6.18
C GLY A 20 -1.63 2.49 6.31
N ASN A 21 -1.01 1.41 6.78
CA ASN A 21 0.43 1.34 7.06
C ASN A 21 1.31 1.60 5.81
N CYS A 22 0.85 1.17 4.63
CA CYS A 22 1.54 1.49 3.36
C CYS A 22 1.68 3.00 3.13
N GLU A 23 0.67 3.82 3.46
CA GLU A 23 0.79 5.28 3.32
C GLU A 23 1.90 5.81 4.26
N LYS A 24 1.93 5.36 5.52
CA LYS A 24 2.91 5.76 6.54
C LYS A 24 4.34 5.31 6.25
N HIS A 25 4.55 4.22 5.50
CA HIS A 25 5.88 3.67 5.18
C HIS A 25 6.37 4.07 3.79
N CYS A 26 5.52 4.01 2.76
CA CYS A 26 5.88 4.33 1.37
C CYS A 26 5.81 5.83 1.05
N GLN A 27 4.68 6.49 1.34
CA GLN A 27 4.43 7.85 0.86
C GLN A 27 5.37 8.88 1.52
N THR A 28 5.86 8.60 2.73
CA THR A 28 6.86 9.46 3.41
C THR A 28 8.16 9.59 2.59
N SER A 29 8.58 8.52 1.91
CA SER A 29 9.75 8.51 1.02
C SER A 29 9.42 8.90 -0.43
N GLY A 30 8.15 9.17 -0.75
CA GLY A 30 7.68 9.38 -2.13
C GLY A 30 7.60 8.10 -2.96
N GLU A 31 7.66 6.93 -2.33
CA GLU A 31 7.39 5.64 -3.00
C GLU A 31 5.89 5.33 -2.98
N LYS A 32 5.46 4.42 -3.87
CA LYS A 32 4.10 3.89 -3.86
C LYS A 32 3.99 2.52 -3.21
N GLY A 33 3.08 2.43 -2.26
CA GLY A 33 2.68 1.25 -1.52
C GLY A 33 1.78 0.27 -2.29
N TYR A 34 1.92 -1.01 -1.95
CA TYR A 34 1.08 -2.13 -2.34
C TYR A 34 0.59 -2.80 -1.04
N CYS A 35 -0.71 -2.76 -0.73
CA CYS A 35 -1.25 -3.25 0.55
C CYS A 35 -1.86 -4.66 0.44
N HIS A 36 -1.59 -5.49 1.46
CA HIS A 36 -2.04 -6.90 1.54
C HIS A 36 -2.83 -7.22 2.82
N GLY A 37 -3.21 -6.19 3.59
CA GLY A 37 -3.97 -6.31 4.83
C GLY A 37 -3.11 -6.73 6.02
N THR A 38 -2.45 -7.88 5.92
CA THR A 38 -1.43 -8.34 6.86
C THR A 38 -0.02 -7.84 6.50
N LYS A 39 0.27 -7.67 5.20
CA LYS A 39 1.57 -7.17 4.67
C LYS A 39 1.42 -5.80 4.01
N CYS A 40 2.55 -5.13 3.77
CA CYS A 40 2.62 -3.88 3.02
C CYS A 40 4.05 -3.67 2.47
N LYS A 41 4.18 -3.59 1.14
CA LYS A 41 5.46 -3.31 0.43
C LYS A 41 5.35 -1.95 -0.29
N CYS A 42 6.47 -1.34 -0.69
CA CYS A 42 6.47 -0.13 -1.53
C CYS A 42 7.25 -0.32 -2.86
N GLY A 43 7.27 0.69 -3.72
CA GLY A 43 8.03 0.72 -4.96
C GLY A 43 8.00 2.09 -5.66
N THR A 44 8.95 2.35 -6.55
CA THR A 44 9.15 3.69 -7.11
C THR A 44 8.06 4.09 -8.14
N PRO A 45 7.82 5.39 -8.37
CA PRO A 45 6.80 5.88 -9.31
C PRO A 45 7.25 5.94 -10.79
N LEU A 46 8.56 5.80 -11.08
CA LEU A 46 9.18 5.83 -12.41
C LEU A 46 8.93 7.08 -13.29
N SER A 47 8.26 8.12 -12.79
CA SER A 47 7.90 9.33 -13.53
C SER A 47 9.02 10.39 -13.61
N TYR A 48 9.91 10.47 -12.62
CA TYR A 48 11.02 11.44 -12.53
C TYR A 48 12.33 10.83 -12.07
N GLY A 1 4.05 -14.25 -7.81
CA GLY A 1 5.12 -13.72 -6.96
C GLY A 1 4.85 -12.29 -6.56
N VAL A 2 5.91 -11.54 -6.24
CA VAL A 2 5.83 -10.13 -5.78
C VAL A 2 5.41 -9.14 -6.87
N HIS A 3 5.49 -9.51 -8.16
CA HIS A 3 5.18 -8.64 -9.31
C HIS A 3 3.68 -8.57 -9.64
N LYS A 4 2.84 -8.73 -8.62
CA LYS A 4 1.37 -8.69 -8.63
C LYS A 4 0.87 -7.95 -7.38
N MET A 5 -0.15 -7.10 -7.52
CA MET A 5 -0.80 -6.39 -6.41
C MET A 5 -2.08 -7.13 -5.95
N ALA A 6 -2.32 -7.19 -4.64
CA ALA A 6 -3.47 -7.85 -4.02
C ALA A 6 -4.69 -6.90 -3.89
N LYS A 7 -5.13 -6.31 -5.01
CA LYS A 7 -6.21 -5.30 -5.13
C LYS A 7 -7.64 -5.90 -5.04
N ASN A 8 -7.82 -6.90 -4.16
CA ASN A 8 -9.02 -7.74 -4.11
C ASN A 8 -10.17 -7.15 -3.25
N GLU A 9 -9.87 -6.40 -2.19
CA GLU A 9 -10.85 -5.73 -1.31
C GLU A 9 -10.58 -4.22 -1.23
N PHE A 10 -11.60 -3.41 -0.89
CA PHE A 10 -11.44 -1.95 -0.91
C PHE A 10 -10.65 -1.40 0.30
N GLN A 11 -9.82 -0.40 0.01
CA GLN A 11 -9.07 0.45 0.95
C GLN A 11 -8.11 -0.27 1.92
N CYS A 12 -7.83 -1.57 1.72
CA CYS A 12 -6.89 -2.38 2.49
C CYS A 12 -7.01 -2.17 4.02
N MET A 13 -8.23 -2.27 4.54
CA MET A 13 -8.61 -1.90 5.92
C MET A 13 -8.19 -2.94 6.99
N ALA A 14 -7.04 -3.58 6.78
CA ALA A 14 -6.37 -4.48 7.73
C ALA A 14 -5.82 -3.75 8.97
N ASN A 15 -5.16 -4.48 9.87
CA ASN A 15 -4.76 -4.00 11.18
C ASN A 15 -3.80 -2.78 11.20
N MET A 16 -3.18 -2.39 10.07
CA MET A 16 -2.46 -1.12 9.94
C MET A 16 -3.35 0.14 9.98
N ASP A 17 -4.67 -0.05 9.98
CA ASP A 17 -5.71 0.99 10.02
C ASP A 17 -5.55 1.98 11.18
N MET A 18 -5.16 1.48 12.35
CA MET A 18 -4.90 2.26 13.56
C MET A 18 -3.65 3.16 13.47
N LEU A 19 -2.75 2.84 12.53
CA LEU A 19 -1.45 3.50 12.30
C LEU A 19 -1.48 4.51 11.15
N GLY A 20 -2.67 4.90 10.68
CA GLY A 20 -2.86 5.72 9.47
C GLY A 20 -2.76 4.95 8.15
N ASN A 21 -2.65 3.61 8.22
CA ASN A 21 -2.41 2.68 7.10
C ASN A 21 -1.05 2.89 6.37
N CYS A 22 -0.66 1.93 5.52
CA CYS A 22 0.69 1.87 4.93
C CYS A 22 1.02 3.01 3.94
N GLU A 23 0.02 3.62 3.30
CA GLU A 23 0.22 4.70 2.32
C GLU A 23 1.08 5.86 2.87
N LYS A 24 0.82 6.29 4.12
CA LYS A 24 1.60 7.31 4.85
C LYS A 24 3.04 6.91 5.17
N HIS A 25 3.34 5.60 5.26
CA HIS A 25 4.70 5.06 5.47
C HIS A 25 5.50 5.10 4.16
N CYS A 26 4.99 4.57 3.05
CA CYS A 26 5.68 4.65 1.78
C CYS A 26 5.85 6.08 1.25
N GLN A 27 4.82 6.95 1.32
CA GLN A 27 4.92 8.30 0.74
C GLN A 27 5.85 9.23 1.53
N THR A 28 6.06 9.00 2.83
CA THR A 28 7.06 9.77 3.61
C THR A 28 8.49 9.28 3.30
N SER A 29 8.67 7.98 3.05
CA SER A 29 9.93 7.41 2.52
C SER A 29 10.20 7.78 1.05
N GLY A 30 9.16 8.11 0.28
CA GLY A 30 9.25 8.66 -1.08
C GLY A 30 8.82 7.74 -2.23
N GLU A 31 8.24 6.57 -1.96
CA GLU A 31 7.66 5.65 -2.97
C GLU A 31 6.14 5.45 -2.74
N LYS A 32 5.45 4.65 -3.56
CA LYS A 32 4.01 4.38 -3.45
C LYS A 32 3.72 3.00 -2.88
N GLY A 33 2.98 2.98 -1.80
CA GLY A 33 2.46 1.79 -1.12
C GLY A 33 1.60 0.85 -1.97
N TYR A 34 1.91 -0.44 -1.85
CA TYR A 34 1.18 -1.63 -2.32
C TYR A 34 0.81 -2.45 -1.08
N CYS A 35 -0.47 -2.70 -0.83
CA CYS A 35 -0.96 -3.27 0.43
C CYS A 35 -1.53 -4.68 0.26
N HIS A 36 -1.18 -5.61 1.15
CA HIS A 36 -1.55 -7.04 1.08
C HIS A 36 -2.28 -7.51 2.35
N GLY A 37 -2.80 -6.58 3.14
CA GLY A 37 -3.44 -6.82 4.43
C GLY A 37 -2.41 -7.03 5.54
N THR A 38 -1.82 -8.23 5.60
CA THR A 38 -0.73 -8.56 6.55
C THR A 38 0.62 -7.99 6.12
N LYS A 39 0.86 -7.84 4.80
CA LYS A 39 2.09 -7.29 4.21
C LYS A 39 1.90 -5.91 3.57
N CYS A 40 3.00 -5.25 3.26
CA CYS A 40 3.01 -4.03 2.46
C CYS A 40 4.40 -3.83 1.85
N LYS A 41 4.44 -3.39 0.58
CA LYS A 41 5.65 -2.94 -0.12
C LYS A 41 5.46 -1.49 -0.57
N CYS A 42 6.54 -0.77 -0.88
CA CYS A 42 6.48 0.53 -1.56
C CYS A 42 7.15 0.39 -2.94
N GLY A 43 6.67 1.05 -3.98
CA GLY A 43 7.23 0.99 -5.34
C GLY A 43 7.23 2.34 -6.06
N THR A 44 8.19 2.53 -6.97
CA THR A 44 8.34 3.77 -7.74
C THR A 44 7.34 3.84 -8.92
N PRO A 45 7.25 4.97 -9.66
CA PRO A 45 6.51 5.08 -10.92
C PRO A 45 6.97 4.14 -12.05
N LEU A 46 8.06 3.38 -11.86
CA LEU A 46 8.52 2.28 -12.73
C LEU A 46 8.19 0.86 -12.18
N SER A 47 7.36 0.80 -11.14
CA SER A 47 6.79 -0.39 -10.46
C SER A 47 7.79 -1.28 -9.71
N TYR A 48 7.33 -1.89 -8.60
CA TYR A 48 8.01 -2.90 -7.79
C TYR A 48 9.44 -2.53 -7.33
N GLY A 1 11.54 -5.11 -10.44
CA GLY A 1 11.49 -5.24 -11.90
C GLY A 1 10.36 -4.39 -12.47
N VAL A 2 10.36 -4.14 -13.78
CA VAL A 2 9.38 -3.29 -14.47
C VAL A 2 7.96 -3.87 -14.46
N HIS A 3 7.80 -5.18 -14.23
CA HIS A 3 6.53 -5.84 -13.96
C HIS A 3 5.97 -5.36 -12.61
N LYS A 4 4.97 -4.47 -12.66
CA LYS A 4 4.44 -3.73 -11.50
C LYS A 4 3.70 -4.62 -10.50
N MET A 5 3.86 -4.31 -9.22
CA MET A 5 3.08 -4.90 -8.12
C MET A 5 1.61 -4.45 -8.16
N ALA A 6 1.35 -3.26 -8.73
CA ALA A 6 0.05 -2.73 -9.11
C ALA A 6 0.23 -1.60 -10.16
N LYS A 7 -0.52 -1.64 -11.26
CA LYS A 7 -0.52 -0.57 -12.30
C LYS A 7 -1.46 0.59 -11.92
N ASN A 8 -2.49 0.32 -11.12
CA ASN A 8 -3.55 1.26 -10.76
C ASN A 8 -3.84 1.19 -9.24
N GLU A 9 -2.81 1.49 -8.44
CA GLU A 9 -2.86 1.50 -6.97
C GLU A 9 -3.69 2.68 -6.40
N PHE A 10 -4.17 2.56 -5.15
CA PHE A 10 -4.90 3.62 -4.42
C PHE A 10 -4.78 3.45 -2.89
N GLN A 11 -5.47 4.26 -2.08
CA GLN A 11 -5.45 4.17 -0.61
C GLN A 11 -5.75 2.75 -0.10
N CYS A 12 -5.05 2.31 0.94
CA CYS A 12 -5.04 0.92 1.42
C CYS A 12 -6.43 0.41 1.88
N MET A 13 -6.73 -0.85 1.59
CA MET A 13 -7.97 -1.55 2.01
C MET A 13 -7.70 -2.85 2.82
N ALA A 14 -6.44 -3.15 3.14
CA ALA A 14 -6.08 -4.36 3.87
C ALA A 14 -6.51 -4.30 5.36
N ASN A 15 -7.00 -5.43 5.87
CA ASN A 15 -7.53 -5.55 7.24
C ASN A 15 -6.49 -5.86 8.33
N MET A 16 -5.20 -5.84 7.97
CA MET A 16 -4.05 -5.93 8.90
C MET A 16 -3.39 -4.57 9.23
N ASP A 17 -3.96 -3.49 8.72
CA ASP A 17 -3.47 -2.11 8.93
C ASP A 17 -4.62 -1.09 8.83
N MET A 18 -5.41 -0.98 9.90
CA MET A 18 -6.63 -0.18 9.96
C MET A 18 -6.41 1.34 10.00
N LEU A 19 -5.14 1.78 10.01
CA LEU A 19 -4.71 3.19 10.04
C LEU A 19 -3.89 3.60 8.80
N GLY A 20 -3.63 2.69 7.85
CA GLY A 20 -2.81 2.97 6.67
C GLY A 20 -1.34 3.27 7.01
N ASN A 21 -0.83 2.71 8.10
CA ASN A 21 0.47 3.01 8.70
C ASN A 21 1.64 2.70 7.74
N CYS A 22 1.57 1.57 7.03
CA CYS A 22 2.53 1.20 5.99
C CYS A 22 2.43 2.11 4.76
N GLU A 23 1.24 2.42 4.21
CA GLU A 23 1.14 3.34 3.06
C GLU A 23 1.55 4.78 3.42
N LYS A 24 1.43 5.19 4.69
CA LYS A 24 2.00 6.44 5.22
C LYS A 24 3.53 6.40 5.22
N HIS A 25 4.14 5.33 5.71
CA HIS A 25 5.60 5.10 5.60
C HIS A 25 6.08 5.14 4.13
N CYS A 26 5.34 4.59 3.16
CA CYS A 26 5.65 4.69 1.74
C CYS A 26 5.71 6.12 1.20
N GLN A 27 4.62 6.90 1.31
CA GLN A 27 4.61 8.29 0.82
C GLN A 27 5.57 9.20 1.60
N THR A 28 5.81 8.90 2.88
CA THR A 28 6.84 9.53 3.71
C THR A 28 8.27 9.20 3.24
N SER A 29 8.47 8.01 2.65
CA SER A 29 9.70 7.58 1.97
C SER A 29 9.76 7.99 0.48
N GLY A 30 8.73 8.70 -0.02
CA GLY A 30 8.64 9.27 -1.37
C GLY A 30 8.09 8.35 -2.47
N GLU A 31 7.82 7.07 -2.18
CA GLU A 31 7.47 6.03 -3.17
C GLU A 31 6.08 5.43 -2.92
N LYS A 32 5.51 4.70 -3.89
CA LYS A 32 4.11 4.29 -3.80
C LYS A 32 3.88 3.02 -3.00
N GLY A 33 2.98 3.14 -2.03
CA GLY A 33 2.40 2.07 -1.23
C GLY A 33 1.38 1.18 -1.96
N TYR A 34 1.51 -0.13 -1.72
CA TYR A 34 0.70 -1.25 -2.23
C TYR A 34 0.26 -2.13 -1.05
N CYS A 35 -1.01 -2.53 -0.97
CA CYS A 35 -1.55 -3.40 0.08
C CYS A 35 -2.10 -4.72 -0.50
N HIS A 36 -1.88 -5.83 0.20
CA HIS A 36 -2.12 -7.22 -0.25
C HIS A 36 -3.13 -7.95 0.64
N GLY A 37 -3.22 -9.28 0.56
CA GLY A 37 -4.07 -10.08 1.46
C GLY A 37 -3.67 -9.95 2.93
N THR A 38 -2.38 -10.13 3.23
CA THR A 38 -1.76 -9.96 4.57
C THR A 38 -0.44 -9.18 4.54
N LYS A 39 -0.03 -8.69 3.36
CA LYS A 39 1.20 -7.90 3.12
C LYS A 39 0.93 -6.43 2.83
N CYS A 40 1.99 -5.63 2.86
CA CYS A 40 2.03 -4.24 2.42
C CYS A 40 3.48 -3.84 2.08
N LYS A 41 3.66 -3.16 0.94
CA LYS A 41 4.96 -2.78 0.35
C LYS A 41 4.93 -1.34 -0.16
N CYS A 42 6.11 -0.75 -0.39
CA CYS A 42 6.24 0.50 -1.13
C CYS A 42 7.10 0.27 -2.39
N GLY A 43 7.12 1.20 -3.35
CA GLY A 43 8.02 1.12 -4.51
C GLY A 43 7.78 2.14 -5.62
N THR A 44 8.81 2.33 -6.45
CA THR A 44 8.91 3.34 -7.52
C THR A 44 7.90 3.12 -8.68
N PRO A 45 7.61 4.14 -9.52
CA PRO A 45 6.55 4.10 -10.54
C PRO A 45 6.97 3.48 -11.88
N LEU A 46 8.25 3.19 -12.12
CA LEU A 46 8.77 2.39 -13.25
C LEU A 46 8.17 2.77 -14.62
N SER A 47 8.37 4.03 -15.00
CA SER A 47 7.85 4.67 -16.23
C SER A 47 6.33 4.70 -16.38
N TYR A 48 5.57 4.55 -15.29
CA TYR A 48 4.10 4.66 -15.19
C TYR A 48 3.33 3.81 -16.24
N GLY A 1 -14.95 -1.89 9.01
CA GLY A 1 -14.84 -0.77 9.94
C GLY A 1 -15.22 0.54 9.28
N VAL A 2 -15.75 1.47 10.06
CA VAL A 2 -16.27 2.78 9.62
C VAL A 2 -15.13 3.75 9.23
N HIS A 3 -13.90 3.48 9.68
CA HIS A 3 -12.70 4.30 9.48
C HIS A 3 -12.16 4.37 8.04
N LYS A 4 -12.77 3.69 7.06
CA LYS A 4 -12.31 3.63 5.65
C LYS A 4 -12.69 4.90 4.88
N MET A 5 -11.69 5.56 4.27
CA MET A 5 -11.86 6.76 3.43
C MET A 5 -10.87 6.84 2.25
N ALA A 6 -10.05 5.80 2.02
CA ALA A 6 -9.09 5.68 0.90
C ALA A 6 -8.07 6.83 0.76
N LYS A 7 -7.70 7.48 1.88
CA LYS A 7 -6.67 8.54 1.91
C LYS A 7 -5.25 7.99 1.99
N ASN A 8 -5.07 6.75 2.48
CA ASN A 8 -3.76 6.06 2.53
C ASN A 8 -3.85 4.56 2.17
N GLU A 9 -5.00 3.93 2.38
CA GLU A 9 -5.27 2.49 2.22
C GLU A 9 -5.56 2.08 0.75
N PHE A 10 -4.81 2.62 -0.21
CA PHE A 10 -5.08 2.49 -1.64
C PHE A 10 -5.17 1.03 -2.10
N GLN A 11 -6.29 0.68 -2.76
CA GLN A 11 -6.62 -0.65 -3.27
C GLN A 11 -6.63 -1.80 -2.23
N CYS A 12 -6.45 -1.51 -0.93
CA CYS A 12 -6.59 -2.47 0.16
C CYS A 12 -8.06 -2.88 0.36
N MET A 13 -8.29 -4.03 1.00
CA MET A 13 -9.62 -4.52 1.40
C MET A 13 -9.67 -5.10 2.82
N ALA A 14 -8.54 -5.49 3.40
CA ALA A 14 -8.43 -5.86 4.81
C ALA A 14 -8.63 -4.64 5.74
N ASN A 15 -9.09 -4.86 6.96
CA ASN A 15 -9.55 -3.80 7.86
C ASN A 15 -8.47 -2.77 8.23
N MET A 16 -7.22 -3.18 8.47
CA MET A 16 -6.11 -2.30 8.88
C MET A 16 -6.47 -1.42 10.11
N ASP A 17 -7.01 -2.05 11.15
CA ASP A 17 -7.55 -1.38 12.35
C ASP A 17 -6.49 -0.84 13.34
N MET A 18 -5.22 -1.17 13.15
CA MET A 18 -4.11 -0.54 13.88
C MET A 18 -3.88 0.89 13.38
N LEU A 19 -3.49 1.79 14.28
CA LEU A 19 -3.22 3.18 13.95
C LEU A 19 -1.89 3.30 13.18
N GLY A 20 -1.87 4.08 12.10
CA GLY A 20 -0.66 4.36 11.30
C GLY A 20 -0.09 3.20 10.48
N ASN A 21 -0.78 2.05 10.38
CA ASN A 21 -0.24 0.83 9.76
C ASN A 21 0.09 1.05 8.26
N CYS A 22 1.39 1.02 7.92
CA CYS A 22 1.96 1.39 6.61
C CYS A 22 1.66 2.83 6.12
N GLU A 23 1.03 3.68 6.92
CA GLU A 23 0.49 4.98 6.51
C GLU A 23 1.55 5.99 6.04
N LYS A 24 2.75 5.97 6.63
CA LYS A 24 3.90 6.79 6.23
C LYS A 24 4.82 6.10 5.24
N HIS A 25 4.90 4.76 5.27
CA HIS A 25 5.91 3.97 4.53
C HIS A 25 6.02 4.27 3.02
N CYS A 26 4.91 4.59 2.33
CA CYS A 26 4.93 5.11 0.95
C CYS A 26 5.31 6.62 0.91
N GLN A 27 4.46 7.51 1.42
CA GLN A 27 4.65 8.96 1.23
C GLN A 27 5.95 9.53 1.81
N THR A 28 6.53 8.92 2.86
CA THR A 28 7.83 9.33 3.43
C THR A 28 8.99 9.15 2.44
N SER A 29 8.82 8.26 1.44
CA SER A 29 9.79 7.98 0.36
C SER A 29 9.45 8.67 -0.97
N GLY A 30 8.30 9.36 -1.06
CA GLY A 30 7.79 9.94 -2.30
C GLY A 30 7.45 8.90 -3.38
N GLU A 31 7.07 7.68 -2.97
CA GLU A 31 6.92 6.48 -3.81
C GLU A 31 5.78 5.58 -3.30
N LYS A 32 5.27 4.66 -4.15
CA LYS A 32 4.05 3.88 -3.90
C LYS A 32 4.34 2.39 -3.84
N GLY A 33 3.36 1.58 -3.48
CA GLY A 33 3.45 0.12 -3.62
C GLY A 33 2.14 -0.62 -3.86
N TYR A 34 2.02 -1.75 -3.17
CA TYR A 34 0.99 -2.79 -3.36
C TYR A 34 0.51 -3.31 -2.01
N CYS A 35 -0.80 -3.57 -1.88
CA CYS A 35 -1.46 -3.87 -0.61
C CYS A 35 -2.12 -5.26 -0.58
N HIS A 36 -1.46 -6.13 0.18
CA HIS A 36 -1.81 -7.53 0.51
C HIS A 36 -2.78 -7.57 1.72
N GLY A 37 -3.02 -8.75 2.31
CA GLY A 37 -3.83 -8.90 3.53
C GLY A 37 -3.17 -8.32 4.80
N THR A 38 -1.90 -8.69 5.06
CA THR A 38 -1.16 -8.28 6.26
C THR A 38 0.14 -7.53 5.97
N LYS A 39 0.76 -7.75 4.80
CA LYS A 39 1.99 -7.07 4.34
C LYS A 39 1.69 -5.66 3.79
N CYS A 40 2.67 -4.94 3.23
CA CYS A 40 2.49 -3.67 2.50
C CYS A 40 3.84 -3.28 1.87
N LYS A 41 3.92 -3.04 0.55
CA LYS A 41 5.23 -2.91 -0.12
C LYS A 41 5.89 -1.52 -0.02
N CYS A 42 5.26 -0.54 -0.65
CA CYS A 42 5.74 0.82 -0.96
C CYS A 42 7.13 0.92 -1.64
N GLY A 43 7.54 2.11 -2.11
CA GLY A 43 8.91 2.35 -2.61
C GLY A 43 9.12 2.25 -4.13
N THR A 44 8.09 2.00 -4.93
CA THR A 44 8.12 2.07 -6.41
C THR A 44 7.31 3.28 -6.94
N PRO A 45 7.87 4.17 -7.77
CA PRO A 45 7.11 5.29 -8.34
C PRO A 45 6.06 4.85 -9.37
N LEU A 46 6.31 3.81 -10.18
CA LEU A 46 5.36 3.31 -11.19
C LEU A 46 4.51 2.16 -10.63
N SER A 47 3.24 2.07 -11.05
CA SER A 47 2.26 1.09 -10.53
C SER A 47 2.48 -0.36 -10.97
N TYR A 48 3.59 -0.67 -11.66
CA TYR A 48 3.83 -1.95 -12.32
C TYR A 48 5.28 -2.43 -12.17
N GLY A 1 8.20 -14.64 -2.45
CA GLY A 1 6.73 -14.51 -2.54
C GLY A 1 6.35 -13.51 -3.62
N VAL A 2 5.13 -13.60 -4.14
CA VAL A 2 4.66 -12.71 -5.22
C VAL A 2 4.39 -11.28 -4.73
N HIS A 3 4.80 -10.27 -5.51
CA HIS A 3 4.66 -8.86 -5.16
C HIS A 3 3.25 -8.27 -5.42
N LYS A 4 2.37 -9.02 -6.11
CA LYS A 4 1.08 -8.55 -6.65
C LYS A 4 0.01 -8.31 -5.59
N MET A 5 -0.66 -7.17 -5.70
CA MET A 5 -1.70 -6.65 -4.80
C MET A 5 -2.99 -7.50 -4.78
N ALA A 6 -3.80 -7.33 -3.73
CA ALA A 6 -5.06 -8.05 -3.55
C ALA A 6 -6.22 -7.56 -4.45
N LYS A 7 -6.27 -6.26 -4.76
CA LYS A 7 -7.43 -5.60 -5.41
C LYS A 7 -8.73 -5.94 -4.67
N ASN A 8 -8.79 -5.63 -3.37
CA ASN A 8 -9.84 -6.08 -2.45
C ASN A 8 -10.34 -4.97 -1.50
N GLU A 9 -9.96 -3.72 -1.75
CA GLU A 9 -10.14 -2.57 -0.84
C GLU A 9 -10.16 -1.24 -1.61
N PHE A 10 -10.15 -0.11 -0.89
CA PHE A 10 -9.94 1.24 -1.42
C PHE A 10 -8.81 1.95 -0.65
N GLN A 11 -7.93 2.67 -1.35
CA GLN A 11 -6.81 3.44 -0.76
C GLN A 11 -5.92 2.67 0.25
N CYS A 12 -5.85 1.34 0.16
CA CYS A 12 -5.19 0.45 1.14
C CYS A 12 -5.57 0.72 2.62
N MET A 13 -6.88 0.86 2.89
CA MET A 13 -7.44 1.01 4.23
C MET A 13 -7.55 -0.33 4.99
N ALA A 14 -7.51 -0.27 6.33
CA ALA A 14 -7.66 -1.41 7.22
C ALA A 14 -9.14 -1.75 7.54
N ASN A 15 -9.37 -2.80 8.34
CA ASN A 15 -10.71 -3.31 8.72
C ASN A 15 -11.50 -2.36 9.65
N MET A 16 -10.83 -1.46 10.38
CA MET A 16 -11.43 -0.37 11.17
C MET A 16 -10.93 1.00 10.70
N ASP A 17 -11.76 2.02 10.85
CA ASP A 17 -11.61 3.38 10.26
C ASP A 17 -10.40 4.20 10.74
N MET A 18 -9.62 3.72 11.71
CA MET A 18 -8.49 4.45 12.30
C MET A 18 -7.13 4.16 11.63
N LEU A 19 -7.00 3.06 10.87
CA LEU A 19 -5.72 2.53 10.38
C LEU A 19 -5.65 2.32 8.86
N GLY A 20 -4.42 2.27 8.33
CA GLY A 20 -4.09 1.86 6.96
C GLY A 20 -3.16 0.66 6.95
N ASN A 21 -3.09 -0.07 5.83
CA ASN A 21 -2.28 -1.29 5.71
C ASN A 21 -0.76 -1.01 5.79
N CYS A 22 -0.29 0.11 5.22
CA CYS A 22 1.13 0.48 5.11
C CYS A 22 1.54 1.75 5.90
N GLU A 23 0.59 2.61 6.27
CA GLU A 23 0.80 3.94 6.84
C GLU A 23 1.65 4.88 5.94
N LYS A 24 2.09 6.04 6.47
CA LYS A 24 2.89 7.05 5.76
C LYS A 24 4.29 6.59 5.28
N HIS A 25 4.66 5.32 5.52
CA HIS A 25 5.95 4.71 5.16
C HIS A 25 6.33 4.96 3.69
N CYS A 26 5.43 4.70 2.74
CA CYS A 26 5.67 4.95 1.33
C CYS A 26 5.82 6.44 1.00
N GLN A 27 4.81 7.28 1.31
CA GLN A 27 4.81 8.68 0.92
C GLN A 27 5.91 9.49 1.61
N THR A 28 6.33 9.11 2.82
CA THR A 28 7.39 9.83 3.55
C THR A 28 8.75 9.68 2.88
N SER A 29 8.94 8.59 2.11
CA SER A 29 10.14 8.28 1.34
C SER A 29 9.99 8.50 -0.17
N GLY A 30 8.81 8.95 -0.64
CA GLY A 30 8.53 9.22 -2.05
C GLY A 30 8.14 8.00 -2.89
N GLU A 31 7.56 6.96 -2.30
CA GLU A 31 7.09 5.75 -3.01
C GLU A 31 5.55 5.60 -2.92
N LYS A 32 4.98 4.61 -3.62
CA LYS A 32 3.57 4.21 -3.53
C LYS A 32 3.39 2.86 -2.84
N GLY A 33 2.46 2.77 -1.90
CA GLY A 33 2.01 1.55 -1.24
C GLY A 33 1.31 0.53 -2.15
N TYR A 34 1.59 -0.74 -1.88
CA TYR A 34 0.98 -1.95 -2.42
C TYR A 34 0.40 -2.77 -1.26
N CYS A 35 -0.88 -3.14 -1.30
CA CYS A 35 -1.53 -3.90 -0.23
C CYS A 35 -2.09 -5.25 -0.71
N HIS A 36 -1.90 -6.29 0.11
CA HIS A 36 -2.11 -7.70 -0.24
C HIS A 36 -3.03 -8.47 0.72
N GLY A 37 -3.74 -7.80 1.62
CA GLY A 37 -4.64 -8.44 2.61
C GLY A 37 -3.95 -9.10 3.81
N THR A 38 -2.81 -9.76 3.56
CA THR A 38 -1.87 -10.30 4.57
C THR A 38 -0.53 -9.56 4.61
N LYS A 39 -0.20 -8.84 3.53
CA LYS A 39 1.07 -8.10 3.33
C LYS A 39 0.81 -6.63 2.98
N CYS A 40 1.81 -5.78 3.15
CA CYS A 40 1.81 -4.40 2.63
C CYS A 40 3.24 -3.88 2.43
N LYS A 41 3.54 -3.42 1.22
CA LYS A 41 4.87 -3.00 0.75
C LYS A 41 4.79 -1.61 0.09
N CYS A 42 5.90 -0.97 -0.25
CA CYS A 42 5.90 0.25 -1.09
C CYS A 42 6.80 0.07 -2.33
N GLY A 43 6.65 0.93 -3.34
CA GLY A 43 7.52 0.97 -4.52
C GLY A 43 7.25 2.16 -5.44
N THR A 44 8.29 2.59 -6.14
CA THR A 44 8.24 3.71 -7.11
C THR A 44 7.73 3.25 -8.48
N PRO A 45 7.04 4.12 -9.24
CA PRO A 45 6.59 3.83 -10.61
C PRO A 45 7.74 3.90 -11.65
N LEU A 46 8.91 4.42 -11.26
CA LEU A 46 10.15 4.60 -12.05
C LEU A 46 10.07 5.68 -13.15
N SER A 47 11.15 6.46 -13.31
CA SER A 47 11.33 7.39 -14.44
C SER A 47 11.87 6.64 -15.66
N TYR A 48 11.11 6.65 -16.75
CA TYR A 48 11.51 6.15 -18.07
C TYR A 48 12.02 7.30 -18.96
N GLY A 1 0.48 4.46 -14.60
CA GLY A 1 -0.19 5.64 -14.04
C GLY A 1 -0.40 5.48 -12.55
N VAL A 2 -0.20 6.54 -11.77
CA VAL A 2 -0.17 6.51 -10.29
C VAL A 2 -1.51 6.22 -9.62
N HIS A 3 -2.64 6.32 -10.33
CA HIS A 3 -3.97 5.85 -9.85
C HIS A 3 -4.22 4.37 -10.17
N LYS A 4 -3.25 3.68 -10.79
CA LYS A 4 -3.39 2.32 -11.36
C LYS A 4 -2.19 1.39 -11.06
N MET A 5 -1.35 1.74 -10.08
CA MET A 5 -0.17 0.95 -9.70
C MET A 5 -0.49 -0.30 -8.86
N ALA A 6 -1.66 -0.40 -8.21
CA ALA A 6 -2.04 -1.55 -7.38
C ALA A 6 -2.04 -2.88 -8.16
N LYS A 7 -1.50 -3.94 -7.54
CA LYS A 7 -1.37 -5.28 -8.14
C LYS A 7 -2.67 -6.08 -8.09
N ASN A 8 -3.44 -5.96 -7.01
CA ASN A 8 -4.73 -6.66 -6.82
C ASN A 8 -5.81 -5.78 -6.14
N GLU A 9 -5.38 -4.75 -5.41
CA GLU A 9 -6.22 -3.85 -4.60
C GLU A 9 -6.95 -2.78 -5.42
N PHE A 10 -8.03 -2.23 -4.87
CA PHE A 10 -8.70 -1.03 -5.37
C PHE A 10 -7.92 0.22 -4.90
N GLN A 11 -6.66 0.35 -5.35
CA GLN A 11 -5.66 1.32 -4.88
C GLN A 11 -5.44 1.23 -3.36
N CYS A 12 -4.66 0.24 -2.95
CA CYS A 12 -4.34 -0.16 -1.57
C CYS A 12 -5.52 -0.49 -0.64
N MET A 13 -6.77 -0.44 -1.13
CA MET A 13 -7.97 -0.86 -0.39
C MET A 13 -8.50 -2.22 -0.88
N ALA A 14 -8.76 -3.13 0.06
CA ALA A 14 -9.45 -4.38 -0.16
C ALA A 14 -10.94 -4.29 0.19
N ASN A 15 -11.24 -3.72 1.36
CA ASN A 15 -12.59 -3.42 1.85
C ASN A 15 -12.65 -2.28 2.90
N MET A 16 -11.80 -2.33 3.94
CA MET A 16 -11.90 -1.50 5.17
C MET A 16 -10.71 -0.57 5.43
N ASP A 17 -9.86 -0.37 4.42
CA ASP A 17 -8.55 0.29 4.50
C ASP A 17 -8.58 1.83 4.54
N MET A 18 -9.51 2.44 5.29
CA MET A 18 -9.72 3.90 5.35
C MET A 18 -8.61 4.67 6.10
N LEU A 19 -7.77 4.00 6.90
CA LEU A 19 -6.68 4.66 7.64
C LEU A 19 -5.45 4.92 6.77
N GLY A 20 -5.23 4.11 5.72
CA GLY A 20 -4.16 4.29 4.74
C GLY A 20 -2.75 4.20 5.33
N ASN A 21 -2.55 3.31 6.32
CA ASN A 21 -1.30 3.19 7.08
C ASN A 21 -0.12 2.65 6.25
N CYS A 22 -0.35 1.91 5.17
CA CYS A 22 0.72 1.49 4.26
C CYS A 22 1.24 2.68 3.44
N GLU A 23 0.35 3.49 2.87
CA GLU A 23 0.69 4.69 2.14
C GLU A 23 1.46 5.70 3.01
N LYS A 24 1.11 5.90 4.28
CA LYS A 24 1.87 6.73 5.22
C LYS A 24 3.35 6.30 5.37
N HIS A 25 3.65 5.01 5.27
CA HIS A 25 5.02 4.48 5.29
C HIS A 25 5.73 4.77 3.96
N CYS A 26 5.10 4.45 2.83
CA CYS A 26 5.65 4.66 1.50
C CYS A 26 5.83 6.12 1.04
N GLN A 27 4.84 6.99 1.24
CA GLN A 27 4.85 8.35 0.67
C GLN A 27 5.92 9.24 1.31
N THR A 28 6.23 9.03 2.61
CA THR A 28 7.33 9.74 3.28
C THR A 28 8.71 9.20 2.87
N SER A 29 8.76 8.00 2.29
CA SER A 29 9.93 7.40 1.61
C SER A 29 9.94 7.67 0.09
N GLY A 30 8.96 8.40 -0.46
CA GLY A 30 8.88 8.74 -1.89
C GLY A 30 8.45 7.59 -2.82
N GLU A 31 7.64 6.63 -2.33
CA GLU A 31 7.15 5.48 -3.10
C GLU A 31 5.62 5.34 -3.00
N LYS A 32 5.02 4.52 -3.87
CA LYS A 32 3.57 4.24 -3.84
C LYS A 32 3.30 2.82 -3.33
N GLY A 33 2.58 2.77 -2.21
CA GLY A 33 2.21 1.56 -1.46
C GLY A 33 1.40 0.50 -2.21
N TYR A 34 1.66 -0.75 -1.82
CA TYR A 34 0.95 -1.99 -2.17
C TYR A 34 0.49 -2.65 -0.87
N CYS A 35 -0.79 -3.02 -0.80
CA CYS A 35 -1.41 -3.51 0.42
C CYS A 35 -1.86 -4.96 0.29
N HIS A 36 -1.63 -5.77 1.32
CA HIS A 36 -1.91 -7.21 1.34
C HIS A 36 -2.76 -7.61 2.56
N GLY A 37 -3.15 -8.88 2.66
CA GLY A 37 -3.98 -9.43 3.74
C GLY A 37 -3.46 -9.16 5.16
N THR A 38 -2.14 -9.11 5.33
CA THR A 38 -1.46 -8.68 6.57
C THR A 38 -0.06 -8.07 6.34
N LYS A 39 0.24 -7.63 5.11
CA LYS A 39 1.56 -7.15 4.65
C LYS A 39 1.44 -5.76 3.99
N CYS A 40 2.56 -5.08 3.80
CA CYS A 40 2.66 -3.79 3.11
C CYS A 40 4.05 -3.66 2.46
N LYS A 41 4.08 -3.22 1.21
CA LYS A 41 5.29 -2.90 0.43
C LYS A 41 5.09 -1.57 -0.30
N CYS A 42 6.15 -0.98 -0.84
CA CYS A 42 6.06 0.25 -1.65
C CYS A 42 6.72 0.05 -3.04
N GLY A 43 6.33 0.86 -4.01
CA GLY A 43 6.76 0.78 -5.41
C GLY A 43 7.25 2.14 -5.91
N THR A 44 8.42 2.15 -6.53
CA THR A 44 9.07 3.41 -6.96
C THR A 44 8.33 4.03 -8.16
N PRO A 45 8.18 5.37 -8.21
CA PRO A 45 7.30 6.05 -9.16
C PRO A 45 7.75 5.92 -10.62
N LEU A 46 9.05 6.01 -10.92
CA LEU A 46 9.63 5.85 -12.26
C LEU A 46 8.90 6.66 -13.35
N SER A 47 8.70 7.94 -13.07
CA SER A 47 7.88 8.94 -13.79
C SER A 47 8.22 9.23 -15.27
N TYR A 48 9.14 8.48 -15.87
CA TYR A 48 9.70 8.70 -17.22
C TYR A 48 8.95 7.93 -18.30
N GLY A 1 0.81 5.23 -11.79
CA GLY A 1 0.30 5.97 -10.63
C GLY A 1 -0.51 5.07 -9.73
N VAL A 2 -1.84 5.13 -9.85
CA VAL A 2 -2.80 4.32 -9.06
C VAL A 2 -2.90 2.87 -9.55
N HIS A 3 -2.49 2.57 -10.78
CA HIS A 3 -2.67 1.26 -11.43
C HIS A 3 -2.06 0.07 -10.66
N LYS A 4 -2.73 -1.10 -10.73
CA LYS A 4 -2.31 -2.34 -10.07
C LYS A 4 -1.02 -2.90 -10.65
N MET A 5 -0.10 -3.33 -9.78
CA MET A 5 1.19 -3.90 -10.21
C MET A 5 1.06 -5.27 -10.89
N ALA A 6 0.26 -6.20 -10.35
CA ALA A 6 0.06 -7.56 -10.87
C ALA A 6 -1.20 -8.26 -10.29
N LYS A 7 -1.61 -9.39 -10.89
CA LYS A 7 -2.72 -10.22 -10.41
C LYS A 7 -2.29 -11.07 -9.21
N ASN A 8 -3.06 -10.94 -8.13
CA ASN A 8 -2.88 -11.67 -6.86
C ASN A 8 -4.16 -11.70 -5.99
N GLU A 9 -4.74 -10.54 -5.64
CA GLU A 9 -5.84 -10.39 -4.67
C GLU A 9 -6.95 -9.43 -5.12
N PHE A 10 -8.02 -9.31 -4.32
CA PHE A 10 -9.17 -8.43 -4.54
C PHE A 10 -8.90 -6.97 -4.09
N GLN A 11 -7.78 -6.38 -4.55
CA GLN A 11 -7.40 -4.97 -4.33
C GLN A 11 -7.41 -4.49 -2.85
N CYS A 12 -7.27 -5.41 -1.90
CA CYS A 12 -7.43 -5.17 -0.45
C CYS A 12 -8.78 -4.51 -0.06
N MET A 13 -9.88 -4.77 -0.79
CA MET A 13 -11.16 -4.09 -0.59
C MET A 13 -11.97 -4.56 0.63
N ALA A 14 -11.54 -5.61 1.34
CA ALA A 14 -12.10 -6.03 2.63
C ALA A 14 -11.10 -5.95 3.76
N ASN A 15 -9.89 -6.45 3.50
CA ASN A 15 -8.76 -6.49 4.42
C ASN A 15 -8.05 -5.12 4.53
N MET A 16 -8.83 -4.06 4.27
CA MET A 16 -8.44 -2.65 4.32
C MET A 16 -7.86 -2.26 5.69
N ASP A 17 -7.14 -1.14 5.68
CA ASP A 17 -6.44 -0.56 6.84
C ASP A 17 -6.94 0.85 7.16
N MET A 18 -7.78 0.95 8.20
CA MET A 18 -8.47 2.17 8.61
C MET A 18 -7.52 3.28 9.08
N LEU A 19 -6.32 2.92 9.53
CA LEU A 19 -5.22 3.85 9.87
C LEU A 19 -4.37 4.19 8.63
N GLY A 20 -4.05 3.19 7.80
CA GLY A 20 -3.37 3.37 6.52
C GLY A 20 -1.89 3.81 6.64
N ASN A 21 -1.21 3.47 7.74
CA ASN A 21 0.14 3.96 8.04
C ASN A 21 1.22 3.51 7.04
N CYS A 22 1.05 2.38 6.34
CA CYS A 22 2.04 1.85 5.40
C CYS A 22 2.26 2.82 4.22
N GLU A 23 1.19 3.25 3.54
CA GLU A 23 1.32 4.20 2.43
C GLU A 23 1.82 5.58 2.88
N LYS A 24 1.48 6.02 4.10
CA LYS A 24 2.09 7.22 4.73
C LYS A 24 3.61 7.05 4.89
N HIS A 25 4.05 5.89 5.36
CA HIS A 25 5.47 5.54 5.54
C HIS A 25 6.23 5.41 4.20
N CYS A 26 5.53 5.12 3.10
CA CYS A 26 6.07 5.21 1.76
C CYS A 26 6.10 6.65 1.23
N GLN A 27 5.05 7.45 1.47
CA GLN A 27 4.95 8.83 1.01
C GLN A 27 6.07 9.73 1.55
N THR A 28 6.55 9.50 2.78
CA THR A 28 7.68 10.27 3.34
C THR A 28 9.01 9.92 2.64
N SER A 29 9.13 8.67 2.19
CA SER A 29 10.27 8.13 1.41
C SER A 29 10.23 8.52 -0.08
N GLY A 30 9.09 9.01 -0.57
CA GLY A 30 8.88 9.31 -1.99
C GLY A 30 8.45 8.09 -2.82
N GLU A 31 7.62 7.22 -2.24
CA GLU A 31 7.13 5.99 -2.88
C GLU A 31 5.60 5.81 -2.67
N LYS A 32 4.98 4.95 -3.47
CA LYS A 32 3.54 4.72 -3.59
C LYS A 32 3.02 3.54 -2.74
N GLY A 33 3.82 2.48 -2.63
CA GLY A 33 3.50 1.27 -1.84
C GLY A 33 2.34 0.39 -2.33
N TYR A 34 2.29 -0.83 -1.79
CA TYR A 34 1.43 -1.93 -2.23
C TYR A 34 0.86 -2.68 -1.03
N CYS A 35 -0.46 -2.90 -1.01
CA CYS A 35 -1.12 -3.78 -0.03
C CYS A 35 -1.25 -5.22 -0.55
N HIS A 36 -1.04 -6.22 0.31
CA HIS A 36 -1.26 -7.65 0.04
C HIS A 36 -2.16 -8.34 1.09
N GLY A 37 -2.99 -7.55 1.77
CA GLY A 37 -3.84 -7.93 2.89
C GLY A 37 -3.03 -8.00 4.19
N THR A 38 -2.56 -9.21 4.52
CA THR A 38 -1.73 -9.53 5.69
C THR A 38 -0.27 -9.06 5.59
N LYS A 39 0.13 -8.46 4.45
CA LYS A 39 1.45 -7.84 4.21
C LYS A 39 1.28 -6.46 3.54
N CYS A 40 2.32 -5.62 3.58
CA CYS A 40 2.38 -4.34 2.87
C CYS A 40 3.86 -3.93 2.66
N LYS A 41 4.18 -3.37 1.50
CA LYS A 41 5.54 -2.92 1.11
C LYS A 41 5.53 -1.54 0.45
N CYS A 42 6.66 -0.82 0.44
CA CYS A 42 6.81 0.41 -0.33
C CYS A 42 7.45 0.17 -1.70
N GLY A 43 7.06 0.93 -2.71
CA GLY A 43 7.71 0.94 -4.03
C GLY A 43 7.12 2.01 -4.93
N THR A 44 7.71 2.23 -6.09
CA THR A 44 7.39 3.34 -7.00
C THR A 44 5.93 3.29 -7.53
N PRO A 45 5.38 4.42 -8.05
CA PRO A 45 4.11 4.45 -8.78
C PRO A 45 4.17 3.84 -10.19
N LEU A 46 5.31 3.25 -10.58
CA LEU A 46 5.54 2.46 -11.80
C LEU A 46 5.18 3.22 -13.09
N SER A 47 5.51 4.51 -13.11
CA SER A 47 5.07 5.48 -14.14
C SER A 47 5.87 5.42 -15.47
N TYR A 48 7.04 4.78 -15.48
CA TYR A 48 7.86 4.55 -16.69
C TYR A 48 7.34 3.41 -17.57
N GLY A 1 10.72 -5.39 -7.02
CA GLY A 1 10.29 -5.81 -5.67
C GLY A 1 8.99 -6.56 -5.72
N VAL A 2 8.29 -6.68 -4.59
CA VAL A 2 7.00 -7.40 -4.45
C VAL A 2 5.82 -6.56 -5.01
N HIS A 3 5.94 -6.19 -6.28
CA HIS A 3 5.10 -5.19 -6.95
C HIS A 3 3.67 -5.64 -7.31
N LYS A 4 2.83 -4.63 -7.55
CA LYS A 4 1.47 -4.66 -8.11
C LYS A 4 1.29 -3.48 -9.08
N MET A 5 0.43 -3.64 -10.09
CA MET A 5 0.16 -2.59 -11.10
C MET A 5 -0.47 -1.34 -10.47
N ALA A 6 0.09 -0.16 -10.75
CA ALA A 6 -0.40 1.13 -10.24
C ALA A 6 -1.83 1.47 -10.70
N LYS A 7 -2.25 0.97 -11.88
CA LYS A 7 -3.61 1.07 -12.42
C LYS A 7 -4.62 0.05 -11.87
N ASN A 8 -4.21 -0.82 -10.94
CA ASN A 8 -5.05 -1.88 -10.34
C ASN A 8 -5.11 -1.74 -8.81
N GLU A 9 -5.40 -0.53 -8.34
CA GLU A 9 -5.43 -0.17 -6.91
C GLU A 9 -6.41 -1.03 -6.05
N PHE A 10 -6.07 -1.20 -4.77
CA PHE A 10 -6.75 -2.07 -3.78
C PHE A 10 -7.20 -1.26 -2.55
N GLN A 11 -8.16 -1.74 -1.75
CA GLN A 11 -8.69 -0.98 -0.60
C GLN A 11 -7.71 -0.78 0.60
N CYS A 12 -6.51 -1.37 0.54
CA CYS A 12 -5.40 -1.18 1.48
C CYS A 12 -5.72 -1.48 2.97
N MET A 13 -6.54 -2.50 3.23
CA MET A 13 -6.81 -3.05 4.57
C MET A 13 -6.26 -4.48 4.73
N ALA A 14 -5.85 -4.82 5.96
CA ALA A 14 -5.31 -6.12 6.36
C ALA A 14 -6.39 -7.08 6.87
N ASN A 15 -6.27 -8.36 6.49
CA ASN A 15 -7.05 -9.48 7.05
C ASN A 15 -6.44 -10.01 8.37
N MET A 16 -5.16 -9.73 8.62
CA MET A 16 -4.45 -9.94 9.90
C MET A 16 -5.03 -9.05 11.02
N ASP A 17 -4.59 -9.26 12.26
CA ASP A 17 -4.98 -8.45 13.43
C ASP A 17 -4.25 -7.09 13.50
N MET A 18 -4.55 -6.22 12.53
CA MET A 18 -4.12 -4.82 12.46
C MET A 18 -5.11 -3.96 11.65
N LEU A 19 -4.92 -2.64 11.74
CA LEU A 19 -5.63 -1.63 10.93
C LEU A 19 -4.73 -1.16 9.77
N GLY A 20 -5.34 -0.68 8.68
CA GLY A 20 -4.63 -0.26 7.47
C GLY A 20 -4.09 1.18 7.55
N ASN A 21 -2.76 1.34 7.59
CA ASN A 21 -2.06 2.63 7.56
C ASN A 21 -0.58 2.51 7.10
N CYS A 22 -0.23 1.47 6.34
CA CYS A 22 1.15 1.29 5.82
C CYS A 22 1.54 2.40 4.82
N GLU A 23 0.58 2.96 4.10
CA GLU A 23 0.79 3.86 2.96
C GLU A 23 1.60 5.12 3.32
N LYS A 24 1.51 5.61 4.57
CA LYS A 24 2.30 6.73 5.11
C LYS A 24 3.80 6.46 5.17
N HIS A 25 4.23 5.24 5.49
CA HIS A 25 5.65 4.87 5.57
C HIS A 25 6.34 5.05 4.21
N CYS A 26 5.61 4.74 3.14
CA CYS A 26 5.98 5.00 1.76
C CYS A 26 5.96 6.50 1.40
N GLN A 27 4.89 7.21 1.74
CA GLN A 27 4.67 8.62 1.48
C GLN A 27 5.75 9.56 2.02
N THR A 28 6.39 9.20 3.14
CA THR A 28 7.51 10.01 3.69
C THR A 28 8.84 9.74 2.96
N SER A 29 9.07 8.52 2.49
CA SER A 29 10.20 8.20 1.59
C SER A 29 9.98 8.75 0.17
N GLY A 30 8.72 8.96 -0.23
CA GLY A 30 8.32 9.47 -1.54
C GLY A 30 7.96 8.37 -2.56
N GLU A 31 7.37 7.27 -2.10
CA GLU A 31 6.92 6.12 -2.93
C GLU A 31 5.51 5.63 -2.54
N LYS A 32 5.01 4.58 -3.22
CA LYS A 32 3.66 4.01 -3.03
C LYS A 32 3.65 2.59 -2.48
N GLY A 33 2.89 2.36 -1.41
CA GLY A 33 2.55 1.05 -0.88
C GLY A 33 1.77 0.15 -1.85
N TYR A 34 2.36 -0.95 -2.29
CA TYR A 34 1.67 -2.03 -2.98
C TYR A 34 0.78 -2.70 -1.94
N CYS A 35 -0.55 -2.66 -2.09
CA CYS A 35 -1.47 -3.20 -1.10
C CYS A 35 -1.89 -4.62 -1.48
N HIS A 36 -1.23 -5.62 -0.91
CA HIS A 36 -1.56 -7.04 -1.07
C HIS A 36 -2.82 -7.42 -0.27
N GLY A 37 -3.30 -8.67 -0.38
CA GLY A 37 -4.49 -9.15 0.36
C GLY A 37 -4.43 -8.95 1.89
N THR A 38 -3.21 -8.94 2.45
CA THR A 38 -2.95 -8.49 3.83
C THR A 38 -1.53 -7.95 4.06
N LYS A 39 -0.57 -8.22 3.16
CA LYS A 39 0.76 -7.61 3.16
C LYS A 39 0.72 -6.19 2.59
N CYS A 40 1.81 -5.45 2.79
CA CYS A 40 2.02 -4.12 2.23
C CYS A 40 3.50 -3.75 2.23
N LYS A 41 4.08 -3.56 1.04
CA LYS A 41 5.47 -3.14 0.77
C LYS A 41 5.46 -1.87 -0.07
N CYS A 42 6.34 -0.89 0.17
CA CYS A 42 6.41 0.32 -0.66
C CYS A 42 7.24 0.12 -1.94
N GLY A 43 6.97 0.94 -2.97
CA GLY A 43 7.76 0.99 -4.21
C GLY A 43 7.28 2.10 -5.14
N THR A 44 8.04 2.39 -6.18
CA THR A 44 7.68 3.39 -7.20
C THR A 44 6.47 2.91 -8.04
N PRO A 45 5.93 3.73 -8.95
CA PRO A 45 4.92 3.32 -9.93
C PRO A 45 5.39 2.22 -10.90
N LEU A 46 6.69 1.86 -10.93
CA LEU A 46 7.28 0.79 -11.73
C LEU A 46 7.63 -0.44 -10.85
N SER A 47 8.00 -1.56 -11.49
CA SER A 47 8.29 -2.84 -10.84
C SER A 47 9.56 -2.90 -9.97
N TYR A 48 10.41 -1.85 -9.97
CA TYR A 48 11.72 -1.80 -9.32
C TYR A 48 11.68 -2.26 -7.86
N GLY A 1 -5.15 -16.60 -5.36
CA GLY A 1 -4.03 -15.69 -5.55
C GLY A 1 -3.78 -14.89 -4.30
N VAL A 2 -2.58 -15.01 -3.72
CA VAL A 2 -2.24 -14.43 -2.40
C VAL A 2 -2.30 -12.90 -2.34
N HIS A 3 -2.21 -12.21 -3.48
CA HIS A 3 -2.30 -10.75 -3.59
C HIS A 3 -3.73 -10.25 -3.93
N LYS A 4 -4.75 -11.12 -3.92
CA LYS A 4 -6.14 -10.81 -4.27
C LYS A 4 -7.06 -10.84 -3.04
N MET A 5 -7.97 -9.87 -2.94
CA MET A 5 -9.04 -9.80 -1.93
C MET A 5 -10.27 -9.02 -2.44
N ALA A 6 -11.31 -8.92 -1.61
CA ALA A 6 -12.57 -8.21 -1.88
C ALA A 6 -12.50 -6.68 -1.63
N LYS A 7 -13.43 -5.90 -2.19
CA LYS A 7 -13.54 -4.44 -2.00
C LYS A 7 -13.91 -4.06 -0.55
N ASN A 8 -14.89 -4.74 0.05
CA ASN A 8 -15.28 -4.60 1.46
C ASN A 8 -14.47 -5.52 2.41
N GLU A 9 -13.17 -5.66 2.15
CA GLU A 9 -12.21 -6.32 3.04
C GLU A 9 -11.08 -5.35 3.41
N PHE A 10 -10.51 -5.50 4.59
CA PHE A 10 -9.43 -4.64 5.10
C PHE A 10 -8.11 -4.81 4.32
N GLN A 11 -7.26 -3.79 4.33
CA GLN A 11 -5.92 -3.81 3.73
C GLN A 11 -4.87 -3.10 4.60
N CYS A 12 -3.61 -3.53 4.45
CA CYS A 12 -2.39 -2.94 5.00
C CYS A 12 -2.27 -2.92 6.55
N MET A 13 -3.18 -3.60 7.26
CA MET A 13 -3.28 -3.61 8.73
C MET A 13 -2.65 -4.86 9.38
N ALA A 14 -2.08 -4.67 10.56
CA ALA A 14 -1.48 -5.73 11.38
C ALA A 14 -2.00 -5.69 12.83
N ASN A 15 -1.74 -6.74 13.62
CA ASN A 15 -2.16 -6.86 15.03
C ASN A 15 -1.53 -5.79 15.95
N MET A 16 -0.50 -5.09 15.47
CA MET A 16 0.13 -3.93 16.11
C MET A 16 0.03 -2.63 15.29
N ASP A 17 -0.73 -2.63 14.20
CA ASP A 17 -0.96 -1.48 13.31
C ASP A 17 -2.37 -1.52 12.73
N MET A 18 -3.35 -1.32 13.61
CA MET A 18 -4.78 -1.26 13.30
C MET A 18 -5.15 -0.04 12.42
N LEU A 19 -4.25 0.95 12.32
CA LEU A 19 -4.37 2.12 11.45
C LEU A 19 -3.91 1.81 10.00
N GLY A 20 -3.20 0.70 9.77
CA GLY A 20 -2.59 0.36 8.49
C GLY A 20 -1.57 1.39 8.00
N ASN A 21 -0.87 2.03 8.95
CA ASN A 21 -0.02 3.20 8.77
C ASN A 21 1.22 2.98 7.87
N CYS A 22 1.60 1.73 7.56
CA CYS A 22 2.69 1.45 6.61
C CYS A 22 2.50 2.12 5.23
N GLU A 23 1.25 2.33 4.79
CA GLU A 23 0.93 3.06 3.56
C GLU A 23 1.39 4.54 3.57
N LYS A 24 1.47 5.17 4.76
CA LYS A 24 2.08 6.48 5.02
C LYS A 24 3.61 6.41 5.05
N HIS A 25 4.21 5.36 5.63
CA HIS A 25 5.66 5.13 5.61
C HIS A 25 6.22 5.10 4.17
N CYS A 26 5.48 4.51 3.23
CA CYS A 26 5.82 4.61 1.82
C CYS A 26 5.76 6.06 1.30
N GLN A 27 4.66 6.78 1.55
CA GLN A 27 4.44 8.09 0.95
C GLN A 27 5.44 9.14 1.44
N THR A 28 5.84 9.09 2.72
CA THR A 28 6.85 10.02 3.28
C THR A 28 8.26 9.70 2.75
N SER A 29 8.54 8.42 2.47
CA SER A 29 9.75 7.97 1.76
C SER A 29 9.77 8.33 0.27
N GLY A 30 8.62 8.79 -0.28
CA GLY A 30 8.46 9.19 -1.68
C GLY A 30 7.99 8.09 -2.62
N GLU A 31 7.35 7.03 -2.12
CA GLU A 31 6.95 5.83 -2.87
C GLU A 31 5.45 5.49 -2.67
N LYS A 32 4.80 4.87 -3.67
CA LYS A 32 3.35 4.56 -3.64
C LYS A 32 3.04 3.28 -2.86
N GLY A 33 3.87 2.26 -3.07
CA GLY A 33 3.67 0.90 -2.57
C GLY A 33 2.52 0.12 -3.20
N TYR A 34 2.35 -1.08 -2.68
CA TYR A 34 1.49 -2.17 -3.17
C TYR A 34 0.69 -2.83 -2.03
N CYS A 35 0.62 -2.17 -0.87
CA CYS A 35 0.19 -2.78 0.39
C CYS A 35 -1.06 -3.66 0.31
N HIS A 36 -0.86 -4.89 0.79
CA HIS A 36 -1.67 -6.10 0.63
C HIS A 36 -2.83 -6.18 1.63
N GLY A 37 -3.37 -7.37 1.92
CA GLY A 37 -4.39 -7.55 2.96
C GLY A 37 -3.87 -7.24 4.37
N THR A 38 -2.68 -7.76 4.70
CA THR A 38 -1.96 -7.48 5.96
C THR A 38 -0.47 -7.22 5.75
N LYS A 39 0.12 -7.64 4.63
CA LYS A 39 1.48 -7.28 4.22
C LYS A 39 1.55 -5.87 3.63
N CYS A 40 2.77 -5.39 3.44
CA CYS A 40 3.04 -4.04 2.95
C CYS A 40 4.43 -3.99 2.30
N LYS A 41 4.50 -3.52 1.05
CA LYS A 41 5.74 -3.19 0.35
C LYS A 41 5.61 -1.84 -0.35
N CYS A 42 6.58 -0.95 -0.16
CA CYS A 42 6.65 0.35 -0.81
C CYS A 42 7.33 0.27 -2.19
N GLY A 43 7.05 1.21 -3.10
CA GLY A 43 7.71 1.25 -4.41
C GLY A 43 7.20 2.41 -5.27
N THR A 44 8.11 3.08 -5.98
CA THR A 44 7.82 4.14 -6.95
C THR A 44 7.11 3.59 -8.20
N PRO A 45 6.47 4.42 -9.02
CA PRO A 45 5.89 4.06 -10.32
C PRO A 45 6.88 3.42 -11.32
N LEU A 46 8.19 3.54 -11.06
CA LEU A 46 9.29 3.05 -11.91
C LEU A 46 9.16 3.56 -13.36
N SER A 47 9.14 4.88 -13.44
CA SER A 47 8.97 5.66 -14.65
C SER A 47 10.20 5.52 -15.55
N TYR A 48 9.93 5.50 -16.85
CA TYR A 48 10.91 5.50 -17.93
C TYR A 48 10.57 6.54 -19.00
N GLY A 1 -21.51 -1.90 -1.64
CA GLY A 1 -20.71 -3.12 -1.38
C GLY A 1 -20.53 -3.35 0.09
N VAL A 2 -19.40 -2.90 0.64
CA VAL A 2 -18.93 -3.15 2.02
C VAL A 2 -17.97 -2.04 2.48
N HIS A 3 -17.81 -1.85 3.80
CA HIS A 3 -16.94 -0.82 4.37
C HIS A 3 -15.46 -0.96 3.96
N LYS A 4 -14.74 0.17 3.95
CA LYS A 4 -13.27 0.20 3.84
C LYS A 4 -12.66 -0.59 5.01
N MET A 5 -11.69 -1.46 4.74
CA MET A 5 -11.01 -2.28 5.75
C MET A 5 -10.16 -1.48 6.73
N ALA A 6 -9.68 -0.29 6.33
CA ALA A 6 -8.91 0.65 7.15
C ALA A 6 -9.36 2.11 6.93
N LYS A 7 -9.39 2.90 8.01
CA LYS A 7 -9.98 4.24 8.09
C LYS A 7 -9.08 5.37 7.59
N ASN A 8 -7.76 5.19 7.71
CA ASN A 8 -6.73 6.17 7.37
C ASN A 8 -5.59 5.54 6.53
N GLU A 9 -5.88 4.42 5.87
CA GLU A 9 -4.95 3.67 5.01
C GLU A 9 -5.69 2.92 3.89
N PHE A 10 -5.02 2.70 2.76
CA PHE A 10 -5.47 1.92 1.60
C PHE A 10 -5.72 0.42 1.89
N GLN A 11 -6.73 0.12 2.72
CA GLN A 11 -7.20 -1.21 3.16
C GLN A 11 -6.29 -1.97 4.17
N CYS A 12 -5.03 -1.58 4.37
CA CYS A 12 -4.07 -2.28 5.23
C CYS A 12 -4.03 -1.78 6.70
N MET A 13 -3.65 -2.67 7.64
CA MET A 13 -3.72 -2.43 9.09
C MET A 13 -2.66 -3.19 9.92
N ALA A 14 -2.29 -2.63 11.07
CA ALA A 14 -1.44 -3.22 12.11
C ALA A 14 -2.22 -4.12 13.10
N ASN A 15 -1.53 -4.88 13.96
CA ASN A 15 -2.11 -5.77 14.99
C ASN A 15 -2.85 -5.06 16.15
N MET A 16 -3.21 -3.79 15.98
CA MET A 16 -3.74 -2.89 17.00
C MET A 16 -4.70 -1.85 16.39
N ASP A 17 -5.47 -1.14 17.23
CA ASP A 17 -6.51 -0.21 16.76
C ASP A 17 -5.97 1.13 16.20
N MET A 18 -4.68 1.41 16.37
CA MET A 18 -3.96 2.56 15.85
C MET A 18 -4.12 2.76 14.34
N LEU A 19 -4.29 4.02 13.93
CA LEU A 19 -4.45 4.44 12.54
C LEU A 19 -3.11 4.41 11.79
N GLY A 20 -3.13 3.97 10.53
CA GLY A 20 -1.95 3.89 9.65
C GLY A 20 -0.98 2.74 9.98
N ASN A 21 -0.38 2.16 8.94
CA ASN A 21 0.49 0.99 9.02
C ASN A 21 1.60 0.96 7.94
N CYS A 22 1.34 1.48 6.74
CA CYS A 22 2.22 1.37 5.57
C CYS A 22 2.07 2.50 4.52
N GLU A 23 0.88 3.07 4.28
CA GLU A 23 0.65 4.02 3.18
C GLU A 23 1.49 5.29 3.32
N LYS A 24 1.42 5.98 4.48
CA LYS A 24 2.28 7.13 4.78
C LYS A 24 3.77 6.76 4.83
N HIS A 25 4.15 5.54 5.24
CA HIS A 25 5.56 5.08 5.19
C HIS A 25 6.09 5.08 3.76
N CYS A 26 5.32 4.60 2.79
CA CYS A 26 5.70 4.72 1.39
C CYS A 26 5.68 6.17 0.91
N GLN A 27 4.64 6.95 1.22
CA GLN A 27 4.52 8.35 0.85
C GLN A 27 5.70 9.22 1.31
N THR A 28 6.19 9.03 2.53
CA THR A 28 7.29 9.85 3.09
C THR A 28 8.65 9.51 2.45
N SER A 29 8.82 8.26 2.03
CA SER A 29 9.96 7.75 1.25
C SER A 29 9.86 8.05 -0.26
N GLY A 30 8.71 8.56 -0.73
CA GLY A 30 8.42 8.89 -2.13
C GLY A 30 8.12 7.65 -2.99
N GLU A 31 7.17 6.83 -2.55
CA GLU A 31 6.88 5.50 -3.13
C GLU A 31 5.37 5.20 -3.24
N LYS A 32 4.96 4.37 -4.21
CA LYS A 32 3.57 4.04 -4.58
C LYS A 32 2.75 3.38 -3.47
N GLY A 33 3.30 2.31 -2.89
CA GLY A 33 2.63 1.46 -1.88
C GLY A 33 1.70 0.39 -2.48
N TYR A 34 1.82 -0.83 -1.95
CA TYR A 34 1.14 -2.04 -2.39
C TYR A 34 0.58 -2.78 -1.16
N CYS A 35 -0.75 -2.87 -1.02
CA CYS A 35 -1.39 -3.55 0.11
C CYS A 35 -1.76 -5.00 -0.23
N HIS A 36 -1.60 -5.92 0.73
CA HIS A 36 -1.94 -7.35 0.63
C HIS A 36 -2.86 -7.80 1.78
N GLY A 37 -3.50 -6.85 2.48
CA GLY A 37 -4.25 -7.07 3.71
C GLY A 37 -3.31 -7.39 4.88
N THR A 38 -2.99 -8.68 5.03
CA THR A 38 -2.06 -9.17 6.07
C THR A 38 -0.59 -8.81 5.84
N LYS A 39 -0.20 -8.37 4.63
CA LYS A 39 1.14 -7.81 4.30
C LYS A 39 1.03 -6.41 3.65
N CYS A 40 2.15 -5.71 3.49
CA CYS A 40 2.26 -4.49 2.70
C CYS A 40 3.72 -4.27 2.26
N LYS A 41 3.92 -3.63 1.11
CA LYS A 41 5.22 -3.23 0.55
C LYS A 41 5.17 -1.81 -0.04
N CYS A 42 6.32 -1.15 -0.13
CA CYS A 42 6.48 0.09 -0.90
C CYS A 42 7.15 -0.21 -2.26
N GLY A 43 7.29 0.80 -3.12
CA GLY A 43 8.02 0.74 -4.39
C GLY A 43 7.97 2.07 -5.12
N THR A 44 9.09 2.57 -5.64
CA THR A 44 9.21 3.92 -6.21
C THR A 44 8.34 4.12 -7.46
N PRO A 45 7.88 5.35 -7.79
CA PRO A 45 6.96 5.59 -8.91
C PRO A 45 7.61 5.55 -10.31
N LEU A 46 8.93 5.49 -10.41
CA LEU A 46 9.66 5.55 -11.68
C LEU A 46 9.29 4.40 -12.64
N SER A 47 9.16 4.71 -13.93
CA SER A 47 8.79 3.81 -15.03
C SER A 47 9.95 2.94 -15.52
N TYR A 48 10.75 2.39 -14.60
CA TYR A 48 11.98 1.63 -14.88
C TYR A 48 11.70 0.12 -14.90
N GLY A 1 8.11 -11.37 -6.83
CA GLY A 1 9.08 -11.31 -7.94
C GLY A 1 10.05 -10.16 -7.76
N VAL A 2 11.23 -10.27 -8.40
CA VAL A 2 12.31 -9.25 -8.39
C VAL A 2 12.89 -9.03 -9.79
N HIS A 3 13.66 -7.94 -9.95
CA HIS A 3 14.32 -7.45 -11.17
C HIS A 3 13.39 -7.01 -12.30
N LYS A 4 12.40 -7.84 -12.68
CA LYS A 4 11.41 -7.56 -13.71
C LYS A 4 10.54 -6.35 -13.33
N MET A 5 10.34 -5.42 -14.26
CA MET A 5 9.66 -4.14 -13.98
C MET A 5 8.15 -4.32 -13.75
N ALA A 6 7.63 -3.78 -12.64
CA ALA A 6 6.20 -3.76 -12.32
C ALA A 6 5.52 -2.49 -12.86
N LYS A 7 4.32 -2.63 -13.46
CA LYS A 7 3.63 -1.56 -14.23
C LYS A 7 2.09 -1.58 -14.18
N ASN A 8 1.48 -2.60 -13.56
CA ASN A 8 0.02 -2.74 -13.39
C ASN A 8 -0.37 -2.89 -11.90
N GLU A 9 0.38 -2.25 -11.01
CA GLU A 9 0.26 -2.42 -9.55
C GLU A 9 -0.88 -1.57 -8.98
N PHE A 10 -1.82 -2.21 -8.30
CA PHE A 10 -2.98 -1.59 -7.66
C PHE A 10 -2.58 -0.89 -6.34
N GLN A 11 -3.02 0.35 -6.13
CA GLN A 11 -2.64 1.16 -4.96
C GLN A 11 -3.58 0.93 -3.76
N CYS A 12 -3.15 1.30 -2.56
CA CYS A 12 -3.81 0.92 -1.30
C CYS A 12 -5.14 1.64 -1.00
N MET A 13 -6.13 0.88 -0.52
CA MET A 13 -7.40 1.37 0.04
C MET A 13 -7.79 0.54 1.26
N ALA A 14 -8.35 1.18 2.29
CA ALA A 14 -8.58 0.60 3.62
C ALA A 14 -9.80 1.23 4.33
N ASN A 15 -10.29 0.59 5.40
CA ASN A 15 -11.53 0.98 6.12
C ASN A 15 -11.36 1.03 7.66
N MET A 16 -10.58 0.12 8.25
CA MET A 16 -10.32 0.04 9.70
C MET A 16 -8.85 0.23 10.10
N ASP A 17 -7.96 0.48 9.14
CA ASP A 17 -6.54 0.67 9.41
C ASP A 17 -6.24 2.13 9.75
N MET A 18 -6.17 2.42 11.05
CA MET A 18 -5.95 3.77 11.59
C MET A 18 -4.52 4.27 11.34
N LEU A 19 -3.54 3.36 11.24
CA LEU A 19 -2.12 3.63 10.93
C LEU A 19 -1.58 2.75 9.79
N GLY A 20 -2.24 1.65 9.44
CA GLY A 20 -1.76 0.67 8.46
C GLY A 20 -0.47 -0.03 8.91
N ASN A 21 0.33 -0.48 7.95
CA ASN A 21 1.64 -1.10 8.18
C ASN A 21 2.79 -0.35 7.48
N CYS A 22 2.65 0.00 6.20
CA CYS A 22 3.70 0.66 5.40
C CYS A 22 3.20 1.78 4.46
N GLU A 23 1.91 1.82 4.14
CA GLU A 23 1.33 2.74 3.16
C GLU A 23 1.39 4.23 3.56
N LYS A 24 1.33 4.53 4.87
CA LYS A 24 1.54 5.88 5.43
C LYS A 24 3.02 6.22 5.60
N HIS A 25 3.90 5.21 5.64
CA HIS A 25 5.36 5.37 5.80
C HIS A 25 6.04 5.65 4.46
N CYS A 26 5.76 4.88 3.42
CA CYS A 26 6.45 5.05 2.15
C CYS A 26 5.96 6.25 1.34
N GLN A 27 4.70 6.69 1.49
CA GLN A 27 4.20 7.90 0.83
C GLN A 27 4.94 9.17 1.28
N THR A 28 5.33 9.25 2.57
CA THR A 28 6.17 10.36 3.07
C THR A 28 7.66 10.19 2.72
N SER A 29 8.13 8.96 2.45
CA SER A 29 9.48 8.68 1.89
C SER A 29 9.61 8.98 0.39
N GLY A 30 8.53 8.83 -0.40
CA GLY A 30 8.51 9.07 -1.86
C GLY A 30 8.15 7.86 -2.74
N GLU A 31 7.54 6.80 -2.19
CA GLU A 31 7.05 5.64 -2.93
C GLU A 31 5.52 5.48 -2.79
N LYS A 32 4.87 4.63 -3.61
CA LYS A 32 3.39 4.58 -3.68
C LYS A 32 2.69 3.99 -2.45
N GLY A 33 3.18 2.87 -1.91
CA GLY A 33 2.50 2.09 -0.88
C GLY A 33 1.37 1.22 -1.46
N TYR A 34 1.55 -0.09 -1.41
CA TYR A 34 0.59 -1.14 -1.78
C TYR A 34 0.21 -1.92 -0.51
N CYS A 35 -1.06 -2.28 -0.31
CA CYS A 35 -1.53 -3.01 0.87
C CYS A 35 -2.45 -4.19 0.50
N HIS A 36 -2.07 -5.38 0.93
CA HIS A 36 -2.60 -6.69 0.48
C HIS A 36 -3.43 -7.41 1.55
N GLY A 37 -4.06 -6.68 2.47
CA GLY A 37 -4.71 -7.23 3.66
C GLY A 37 -3.66 -7.72 4.67
N THR A 38 -3.10 -8.91 4.43
CA THR A 38 -2.02 -9.49 5.25
C THR A 38 -0.64 -8.86 5.04
N LYS A 39 -0.37 -8.30 3.85
CA LYS A 39 0.97 -7.78 3.45
C LYS A 39 0.99 -6.30 3.09
N CYS A 40 2.17 -5.72 2.91
CA CYS A 40 2.38 -4.32 2.52
C CYS A 40 3.73 -4.15 1.79
N LYS A 41 3.74 -3.51 0.62
CA LYS A 41 4.93 -3.30 -0.22
C LYS A 41 5.06 -1.85 -0.70
N CYS A 42 6.28 -1.34 -0.80
CA CYS A 42 6.59 0.03 -1.17
C CYS A 42 7.37 0.05 -2.50
N GLY A 43 6.95 0.86 -3.48
CA GLY A 43 7.59 0.93 -4.79
C GLY A 43 7.31 2.22 -5.56
N THR A 44 8.26 2.62 -6.37
CA THR A 44 8.16 3.72 -7.34
C THR A 44 7.68 3.19 -8.71
N PRO A 45 7.29 4.08 -9.65
CA PRO A 45 6.93 3.74 -11.04
C PRO A 45 8.08 3.19 -11.92
N LEU A 46 9.34 3.32 -11.47
CA LEU A 46 10.57 2.82 -12.12
C LEU A 46 10.85 3.27 -13.57
N SER A 47 10.04 4.16 -14.16
CA SER A 47 10.12 4.65 -15.55
C SER A 47 11.28 5.62 -15.85
N TYR A 48 12.28 5.66 -14.97
CA TYR A 48 13.45 6.56 -14.96
C TYR A 48 14.51 6.24 -16.00
N GLY A 1 -19.72 -4.82 3.55
CA GLY A 1 -19.00 -6.09 3.28
C GLY A 1 -17.83 -5.82 2.35
N VAL A 2 -17.44 -6.79 1.54
CA VAL A 2 -16.32 -6.64 0.60
C VAL A 2 -16.65 -5.78 -0.63
N HIS A 3 -17.93 -5.61 -0.99
CA HIS A 3 -18.40 -4.99 -2.23
C HIS A 3 -18.42 -3.45 -2.20
N LYS A 4 -17.48 -2.81 -1.50
CA LYS A 4 -17.38 -1.36 -1.27
C LYS A 4 -17.36 -0.55 -2.58
N MET A 5 -17.76 0.72 -2.51
CA MET A 5 -17.83 1.63 -3.65
C MET A 5 -16.44 1.92 -4.25
N ALA A 6 -16.30 1.79 -5.57
CA ALA A 6 -15.07 2.01 -6.36
C ALA A 6 -13.84 1.17 -5.92
N LYS A 7 -13.73 -0.07 -6.41
CA LYS A 7 -12.73 -1.08 -6.02
C LYS A 7 -11.32 -0.76 -6.55
N ASN A 8 -10.49 -0.16 -5.70
CA ASN A 8 -9.08 0.20 -5.94
C ASN A 8 -8.07 -0.69 -5.18
N GLU A 9 -8.45 -1.26 -4.03
CA GLU A 9 -7.63 -2.17 -3.21
C GLU A 9 -8.48 -3.11 -2.33
N PHE A 10 -8.01 -4.34 -2.12
CA PHE A 10 -8.71 -5.41 -1.38
C PHE A 10 -8.13 -5.63 0.02
N GLN A 11 -9.00 -5.69 1.04
CA GLN A 11 -8.67 -5.92 2.46
C GLN A 11 -7.68 -4.91 3.09
N CYS A 12 -7.67 -3.65 2.66
CA CYS A 12 -6.78 -2.66 3.26
C CYS A 12 -7.26 -2.18 4.66
N MET A 13 -6.30 -1.92 5.55
CA MET A 13 -6.50 -1.51 6.95
C MET A 13 -7.44 -2.44 7.73
N ALA A 14 -7.19 -3.74 7.61
CA ALA A 14 -7.90 -4.86 8.26
C ALA A 14 -7.86 -4.81 9.80
N ASN A 15 -8.59 -5.71 10.48
CA ASN A 15 -8.69 -5.72 11.94
C ASN A 15 -7.31 -5.95 12.63
N MET A 16 -6.49 -6.87 12.12
CA MET A 16 -5.16 -7.19 12.63
C MET A 16 -4.16 -6.03 12.44
N ASP A 17 -3.40 -5.78 13.51
CA ASP A 17 -2.50 -4.64 13.78
C ASP A 17 -1.41 -4.34 12.74
N MET A 18 -1.20 -5.21 11.76
CA MET A 18 -0.33 -4.96 10.59
C MET A 18 -0.82 -3.79 9.70
N LEU A 19 -2.14 -3.58 9.60
CA LEU A 19 -2.83 -2.41 8.97
C LEU A 19 -2.35 -1.95 7.57
N GLY A 20 -1.53 -2.71 6.83
CA GLY A 20 -0.85 -2.22 5.62
C GLY A 20 0.13 -1.07 5.92
N ASN A 21 0.77 -1.13 7.09
CA ASN A 21 1.57 -0.04 7.69
C ASN A 21 2.77 0.45 6.85
N CYS A 22 3.37 -0.38 5.99
CA CYS A 22 4.49 0.01 5.13
C CYS A 22 4.11 1.05 4.07
N GLU A 23 2.84 1.07 3.65
CA GLU A 23 2.35 1.99 2.64
C GLU A 23 2.35 3.43 3.17
N LYS A 24 2.09 3.63 4.47
CA LYS A 24 2.27 4.90 5.19
C LYS A 24 3.72 5.41 5.16
N HIS A 25 4.69 4.49 5.25
CA HIS A 25 6.13 4.77 5.17
C HIS A 25 6.50 5.20 3.75
N CYS A 26 6.18 4.40 2.72
CA CYS A 26 6.54 4.74 1.36
C CYS A 26 5.80 5.99 0.83
N GLN A 27 4.49 6.12 1.07
CA GLN A 27 3.72 7.28 0.59
C GLN A 27 4.11 8.61 1.24
N THR A 28 4.69 8.61 2.44
CA THR A 28 5.18 9.83 3.09
C THR A 28 6.64 10.17 2.72
N SER A 29 7.44 9.16 2.34
CA SER A 29 8.77 9.32 1.73
C SER A 29 8.68 9.92 0.33
N GLY A 30 7.80 9.39 -0.52
CA GLY A 30 7.63 9.79 -1.93
C GLY A 30 7.53 8.61 -2.92
N GLU A 31 7.24 7.40 -2.43
CA GLU A 31 7.07 6.16 -3.17
C GLU A 31 5.61 5.67 -3.12
N LYS A 32 5.17 4.81 -4.04
CA LYS A 32 3.74 4.46 -4.24
C LYS A 32 3.09 3.74 -3.04
N GLY A 33 3.51 2.52 -2.74
CA GLY A 33 2.97 1.70 -1.65
C GLY A 33 1.62 1.02 -1.96
N TYR A 34 1.53 -0.27 -1.63
CA TYR A 34 0.35 -1.14 -1.73
C TYR A 34 0.03 -1.83 -0.39
N CYS A 35 -1.26 -2.01 -0.11
CA CYS A 35 -1.81 -2.45 1.17
C CYS A 35 -2.64 -3.74 1.04
N HIS A 36 -2.30 -4.80 1.79
CA HIS A 36 -3.03 -6.08 1.79
C HIS A 36 -3.56 -6.46 3.19
N GLY A 37 -4.40 -7.50 3.25
CA GLY A 37 -5.00 -7.96 4.51
C GLY A 37 -4.00 -8.43 5.58
N THR A 38 -2.82 -8.89 5.14
CA THR A 38 -1.66 -9.21 6.01
C THR A 38 -0.33 -8.68 5.45
N LYS A 39 -0.19 -8.66 4.11
CA LYS A 39 1.01 -8.17 3.41
C LYS A 39 1.01 -6.66 3.17
N CYS A 40 2.15 -6.13 2.75
CA CYS A 40 2.33 -4.74 2.36
C CYS A 40 3.57 -4.60 1.46
N LYS A 41 3.48 -3.82 0.38
CA LYS A 41 4.55 -3.66 -0.64
C LYS A 41 4.78 -2.18 -0.98
N CYS A 42 5.88 -1.84 -1.64
CA CYS A 42 6.31 -0.48 -1.99
C CYS A 42 6.90 -0.43 -3.43
N GLY A 43 7.18 0.77 -3.95
CA GLY A 43 7.88 0.98 -5.23
C GLY A 43 7.84 2.43 -5.74
N THR A 44 8.65 2.77 -6.74
CA THR A 44 8.88 4.15 -7.25
C THR A 44 8.14 4.43 -8.58
N PRO A 45 8.04 5.69 -9.06
CA PRO A 45 7.45 6.05 -10.37
C PRO A 45 8.44 5.97 -11.56
N LEU A 46 9.62 5.38 -11.37
CA LEU A 46 10.68 5.24 -12.39
C LEU A 46 10.59 3.92 -13.19
N SER A 47 11.19 3.84 -14.38
CA SER A 47 11.18 2.63 -15.23
C SER A 47 12.05 1.49 -14.70
N TYR A 48 13.10 1.79 -13.93
CA TYR A 48 13.90 0.82 -13.17
C TYR A 48 13.17 0.44 -11.88
N GLY A 1 -9.67 -19.17 4.89
CA GLY A 1 -10.29 -17.95 4.36
C GLY A 1 -9.23 -16.95 3.96
N VAL A 2 -9.40 -16.33 2.78
CA VAL A 2 -8.48 -15.31 2.25
C VAL A 2 -8.38 -14.06 3.13
N HIS A 3 -7.24 -13.36 3.05
CA HIS A 3 -6.99 -12.13 3.82
C HIS A 3 -7.98 -11.02 3.44
N LYS A 4 -8.62 -10.44 4.46
CA LYS A 4 -9.68 -9.43 4.31
C LYS A 4 -9.11 -8.06 3.95
N MET A 5 -9.70 -7.40 2.96
CA MET A 5 -9.20 -6.14 2.39
C MET A 5 -10.29 -5.14 1.97
N ALA A 6 -11.58 -5.50 2.00
CA ALA A 6 -12.67 -4.72 1.42
C ALA A 6 -12.75 -3.24 1.87
N LYS A 7 -13.40 -2.40 1.05
CA LYS A 7 -13.50 -0.92 1.20
C LYS A 7 -14.29 -0.42 2.43
N ASN A 8 -14.78 -1.30 3.31
CA ASN A 8 -15.55 -0.95 4.52
C ASN A 8 -14.75 -0.14 5.57
N GLU A 9 -13.42 -0.14 5.49
CA GLU A 9 -12.50 0.46 6.46
C GLU A 9 -11.23 0.98 5.71
N PHE A 10 -10.45 1.87 6.32
CA PHE A 10 -9.36 2.60 5.65
C PHE A 10 -8.22 1.70 5.12
N GLN A 11 -7.92 1.81 3.81
CA GLN A 11 -6.76 1.25 3.08
C GLN A 11 -6.32 -0.17 3.52
N CYS A 12 -6.96 -1.18 2.95
CA CYS A 12 -6.88 -2.59 3.35
C CYS A 12 -7.16 -2.81 4.86
N MET A 13 -8.14 -2.09 5.41
CA MET A 13 -8.58 -2.14 6.82
C MET A 13 -7.43 -2.06 7.85
N ALA A 14 -6.65 -0.98 7.78
CA ALA A 14 -5.52 -0.69 8.66
C ALA A 14 -5.89 -0.32 10.12
N ASN A 15 -4.91 -0.39 11.03
CA ASN A 15 -4.99 -0.03 12.45
C ASN A 15 -3.94 1.00 12.92
N MET A 16 -3.21 1.67 12.00
CA MET A 16 -2.27 2.77 12.27
C MET A 16 -1.93 3.54 10.98
N ASP A 17 -1.59 4.84 11.04
CA ASP A 17 -1.32 5.67 9.85
C ASP A 17 -0.35 6.85 10.02
N MET A 18 0.24 7.05 11.21
CA MET A 18 1.25 8.06 11.46
C MET A 18 2.56 7.78 10.67
N LEU A 19 2.99 6.52 10.66
CA LEU A 19 4.07 5.94 9.85
C LEU A 19 3.64 4.61 9.18
N GLY A 20 2.49 4.05 9.57
CA GLY A 20 1.86 2.85 8.98
C GLY A 20 2.53 1.53 9.38
N ASN A 21 1.87 0.42 9.07
CA ASN A 21 2.47 -0.91 9.22
C ASN A 21 3.71 -1.05 8.31
N CYS A 22 3.72 -0.48 7.10
CA CYS A 22 4.94 -0.33 6.28
C CYS A 22 4.90 0.75 5.18
N GLU A 23 3.78 0.98 4.50
CA GLU A 23 3.73 1.77 3.25
C GLU A 23 3.69 3.30 3.42
N LYS A 24 3.08 3.83 4.49
CA LYS A 24 3.04 5.29 4.77
C LYS A 24 4.44 5.91 4.81
N HIS A 25 5.36 5.23 5.50
CA HIS A 25 6.79 5.53 5.59
C HIS A 25 7.49 5.63 4.21
N CYS A 26 7.04 4.89 3.19
CA CYS A 26 7.56 5.03 1.83
C CYS A 26 6.85 6.14 1.04
N GLN A 27 5.52 6.19 1.01
CA GLN A 27 4.77 7.12 0.13
C GLN A 27 4.87 8.60 0.56
N THR A 28 5.19 8.88 1.83
CA THR A 28 5.57 10.24 2.30
C THR A 28 6.88 10.74 1.65
N SER A 29 7.69 9.80 1.12
CA SER A 29 8.98 9.99 0.46
C SER A 29 8.92 9.59 -1.02
N GLY A 30 7.81 9.94 -1.69
CA GLY A 30 7.60 9.86 -3.14
C GLY A 30 7.25 8.49 -3.74
N GLU A 31 7.36 7.41 -2.97
CA GLU A 31 7.05 6.04 -3.43
C GLU A 31 5.53 5.83 -3.67
N LYS A 32 5.17 4.71 -4.30
CA LYS A 32 3.78 4.26 -4.52
C LYS A 32 3.07 3.87 -3.21
N GLY A 33 3.59 2.85 -2.53
CA GLY A 33 2.95 2.20 -1.38
C GLY A 33 1.80 1.26 -1.77
N TYR A 34 1.82 0.03 -1.24
CA TYR A 34 0.89 -1.06 -1.54
C TYR A 34 0.47 -1.81 -0.27
N CYS A 35 -0.83 -2.08 -0.11
CA CYS A 35 -1.38 -2.85 1.00
C CYS A 35 -2.00 -4.19 0.54
N HIS A 36 -1.88 -5.21 1.38
CA HIS A 36 -2.33 -6.60 1.12
C HIS A 36 -3.08 -7.21 2.32
N GLY A 37 -3.70 -6.38 3.16
CA GLY A 37 -4.36 -6.79 4.40
C GLY A 37 -3.35 -7.26 5.45
N THR A 38 -2.94 -8.52 5.38
CA THR A 38 -1.92 -9.13 6.26
C THR A 38 -0.48 -8.82 5.82
N LYS A 39 -0.21 -8.63 4.52
CA LYS A 39 1.09 -8.18 3.97
C LYS A 39 1.07 -6.70 3.56
N CYS A 40 2.25 -6.16 3.24
CA CYS A 40 2.47 -4.76 2.89
C CYS A 40 3.80 -4.60 2.12
N LYS A 41 3.81 -3.80 1.05
CA LYS A 41 5.00 -3.51 0.22
C LYS A 41 5.07 -2.03 -0.17
N CYS A 42 6.28 -1.53 -0.43
CA CYS A 42 6.52 -0.23 -1.05
C CYS A 42 6.74 -0.45 -2.57
N GLY A 43 6.72 0.58 -3.41
CA GLY A 43 7.13 0.47 -4.81
C GLY A 43 7.60 1.83 -5.32
N THR A 44 8.57 1.89 -6.23
CA THR A 44 9.08 3.18 -6.74
C THR A 44 8.23 3.70 -7.91
N PRO A 45 8.34 4.99 -8.26
CA PRO A 45 7.77 5.58 -9.47
C PRO A 45 8.30 4.98 -10.79
N LEU A 46 9.44 4.26 -10.79
CA LEU A 46 10.04 3.55 -11.93
C LEU A 46 10.16 4.39 -13.21
N SER A 47 10.44 5.68 -13.04
CA SER A 47 10.37 6.70 -14.11
C SER A 47 11.46 7.76 -13.99
N TYR A 48 12.73 7.34 -14.01
CA TYR A 48 13.92 8.16 -13.71
C TYR A 48 13.90 8.74 -12.28
N GLY A 1 -5.94 -8.10 -5.90
CA GLY A 1 -6.49 -9.25 -6.66
C GLY A 1 -7.94 -8.99 -7.01
N VAL A 2 -8.27 -8.99 -8.31
CA VAL A 2 -9.56 -8.57 -8.91
C VAL A 2 -9.90 -7.10 -8.61
N HIS A 3 -9.63 -6.21 -9.56
CA HIS A 3 -9.70 -4.76 -9.36
C HIS A 3 -11.14 -4.21 -9.21
N LYS A 4 -11.36 -3.43 -8.15
CA LYS A 4 -12.65 -2.80 -7.78
C LYS A 4 -12.45 -1.44 -7.10
N MET A 5 -13.17 -0.42 -7.57
CA MET A 5 -13.16 0.93 -6.99
C MET A 5 -13.75 1.00 -5.57
N ALA A 6 -13.29 1.97 -4.77
CA ALA A 6 -13.77 2.25 -3.42
C ALA A 6 -14.89 3.31 -3.40
N LYS A 7 -15.55 3.48 -2.25
CA LYS A 7 -16.50 4.58 -1.99
C LYS A 7 -16.43 5.17 -0.57
N ASN A 8 -15.93 4.40 0.40
CA ASN A 8 -15.78 4.82 1.80
C ASN A 8 -14.51 4.27 2.49
N GLU A 9 -13.98 3.15 2.00
CA GLU A 9 -12.86 2.41 2.57
C GLU A 9 -11.47 3.00 2.22
N PHE A 10 -10.45 2.60 2.98
CA PHE A 10 -9.04 3.03 2.82
C PHE A 10 -8.25 2.18 1.80
N GLN A 11 -8.95 1.50 0.88
CA GLN A 11 -8.41 0.78 -0.28
C GLN A 11 -7.46 -0.40 0.04
N CYS A 12 -7.61 -1.04 1.20
CA CYS A 12 -6.90 -2.28 1.57
C CYS A 12 -7.64 -3.06 2.67
N MET A 13 -7.70 -4.39 2.57
CA MET A 13 -8.46 -5.30 3.44
C MET A 13 -7.87 -5.52 4.86
N ALA A 14 -7.04 -4.61 5.37
CA ALA A 14 -6.41 -4.75 6.69
C ALA A 14 -7.42 -4.66 7.85
N ASN A 15 -7.08 -5.28 8.97
CA ASN A 15 -7.87 -5.32 10.21
C ASN A 15 -7.16 -4.67 11.41
N MET A 16 -5.83 -4.58 11.35
CA MET A 16 -4.98 -3.86 12.32
C MET A 16 -4.67 -2.42 11.85
N ASP A 17 -5.43 -1.90 10.89
CA ASP A 17 -5.39 -0.54 10.36
C ASP A 17 -6.80 -0.11 9.90
N MET A 18 -6.97 1.20 9.81
CA MET A 18 -8.15 1.92 9.33
C MET A 18 -7.81 3.18 8.51
N LEU A 19 -6.53 3.58 8.42
CA LEU A 19 -6.08 4.86 7.88
C LEU A 19 -5.44 4.76 6.48
N GLY A 20 -4.81 3.63 6.15
CA GLY A 20 -3.94 3.46 4.98
C GLY A 20 -2.47 3.63 5.34
N ASN A 21 -2.07 3.13 6.51
CA ASN A 21 -0.75 3.37 7.10
C ASN A 21 0.43 2.90 6.22
N CYS A 22 0.29 1.79 5.48
CA CYS A 22 1.32 1.32 4.54
C CYS A 22 1.55 2.32 3.40
N GLU A 23 0.49 2.83 2.77
CA GLU A 23 0.59 3.86 1.73
C GLU A 23 1.17 5.19 2.26
N LYS A 24 0.81 5.62 3.49
CA LYS A 24 1.43 6.78 4.13
C LYS A 24 2.88 6.53 4.52
N HIS A 25 3.22 5.31 4.94
CA HIS A 25 4.58 4.88 5.28
C HIS A 25 5.50 4.98 4.07
N CYS A 26 5.11 4.43 2.92
CA CYS A 26 5.89 4.51 1.69
C CYS A 26 6.09 5.95 1.19
N GLN A 27 5.10 6.84 1.37
CA GLN A 27 5.28 8.25 1.08
C GLN A 27 6.34 8.95 1.94
N THR A 28 6.66 8.46 3.15
CA THR A 28 7.76 9.05 3.92
C THR A 28 9.14 8.89 3.27
N SER A 29 9.37 7.84 2.45
CA SER A 29 10.55 7.75 1.58
C SER A 29 10.28 8.37 0.20
N GLY A 30 9.04 8.32 -0.29
CA GLY A 30 8.57 9.09 -1.46
C GLY A 30 7.73 8.34 -2.50
N GLU A 31 7.27 7.10 -2.26
CA GLU A 31 6.55 6.27 -3.25
C GLU A 31 5.17 5.79 -2.79
N LYS A 32 4.38 5.20 -3.71
CA LYS A 32 2.92 4.99 -3.55
C LYS A 32 2.47 4.04 -2.45
N GLY A 33 3.15 2.90 -2.34
CA GLY A 33 2.75 1.79 -1.46
C GLY A 33 1.86 0.73 -2.12
N TYR A 34 2.10 -0.52 -1.72
CA TYR A 34 1.35 -1.73 -2.06
C TYR A 34 0.92 -2.39 -0.74
N CYS A 35 -0.39 -2.42 -0.47
CA CYS A 35 -0.95 -3.03 0.73
C CYS A 35 -1.63 -4.37 0.40
N HIS A 36 -1.30 -5.41 1.18
CA HIS A 36 -1.81 -6.78 0.99
C HIS A 36 -2.66 -7.28 2.15
N GLY A 37 -2.85 -6.45 3.19
CA GLY A 37 -3.42 -6.84 4.49
C GLY A 37 -2.30 -6.94 5.51
N THR A 38 -1.85 -8.15 5.84
CA THR A 38 -0.69 -8.39 6.73
C THR A 38 0.64 -7.93 6.12
N LYS A 39 0.82 -8.08 4.79
CA LYS A 39 2.03 -7.64 4.07
C LYS A 39 1.93 -6.19 3.59
N CYS A 40 3.09 -5.56 3.40
CA CYS A 40 3.23 -4.18 2.96
C CYS A 40 4.58 -3.98 2.24
N LYS A 41 4.56 -3.38 1.05
CA LYS A 41 5.74 -3.04 0.24
C LYS A 41 5.58 -1.65 -0.40
N CYS A 42 6.67 -1.05 -0.90
CA CYS A 42 6.67 0.30 -1.49
C CYS A 42 7.10 0.29 -2.98
N GLY A 43 6.67 1.29 -3.75
CA GLY A 43 7.07 1.45 -5.15
C GLY A 43 6.19 2.44 -5.92
N THR A 44 6.59 2.71 -7.16
CA THR A 44 5.85 3.51 -8.16
C THR A 44 4.56 2.74 -8.58
N PRO A 45 3.60 3.36 -9.32
CA PRO A 45 2.34 2.72 -9.69
C PRO A 45 2.45 1.33 -10.37
N LEU A 46 3.51 1.09 -11.15
CA LEU A 46 3.76 -0.18 -11.84
C LEU A 46 5.23 -0.46 -12.15
N SER A 47 5.60 -1.73 -12.32
CA SER A 47 6.93 -2.09 -12.84
C SER A 47 6.98 -3.50 -13.45
N TYR A 48 7.42 -3.58 -14.72
CA TYR A 48 7.60 -4.84 -15.48
C TYR A 48 8.95 -5.50 -15.20
N GLY A 1 -21.66 1.75 6.32
CA GLY A 1 -21.40 3.19 6.08
C GLY A 1 -20.16 3.38 5.23
N VAL A 2 -20.35 3.81 3.98
CA VAL A 2 -19.27 3.83 2.97
C VAL A 2 -18.13 4.80 3.29
N HIS A 3 -16.92 4.52 2.79
CA HIS A 3 -15.71 5.29 3.06
C HIS A 3 -15.63 6.59 2.23
N LYS A 4 -15.39 7.74 2.87
CA LYS A 4 -15.15 9.04 2.20
C LYS A 4 -13.68 9.24 1.77
N MET A 5 -13.04 8.19 1.26
CA MET A 5 -11.65 8.16 0.80
C MET A 5 -11.40 6.98 -0.18
N ALA A 6 -12.40 6.65 -0.99
CA ALA A 6 -12.43 5.47 -1.87
C ALA A 6 -11.35 5.47 -2.97
N LYS A 7 -10.70 6.61 -3.25
CA LYS A 7 -9.58 6.74 -4.20
C LYS A 7 -8.20 6.80 -3.53
N ASN A 8 -8.12 6.63 -2.21
CA ASN A 8 -6.86 6.66 -1.44
C ASN A 8 -6.27 5.25 -1.19
N GLU A 9 -7.12 4.23 -1.03
CA GLU A 9 -6.73 2.82 -0.82
C GLU A 9 -5.98 2.23 -2.04
N PHE A 10 -5.22 1.15 -1.84
CA PHE A 10 -4.66 0.35 -2.94
C PHE A 10 -4.90 -1.16 -2.76
N GLN A 11 -6.05 -1.62 -3.28
CA GLN A 11 -6.50 -3.02 -3.26
C GLN A 11 -6.72 -3.58 -1.83
N CYS A 12 -7.08 -2.70 -0.89
CA CYS A 12 -7.20 -2.98 0.54
C CYS A 12 -8.21 -2.02 1.21
N MET A 13 -9.50 -2.21 0.94
CA MET A 13 -10.62 -1.51 1.58
C MET A 13 -11.81 -2.46 1.80
N ALA A 14 -12.40 -2.43 3.00
CA ALA A 14 -13.44 -3.37 3.43
C ALA A 14 -14.63 -2.65 4.09
N ASN A 15 -15.83 -3.22 3.91
CA ASN A 15 -17.08 -2.67 4.40
C ASN A 15 -17.26 -2.80 5.93
N MET A 16 -16.38 -3.55 6.61
CA MET A 16 -16.27 -3.61 8.08
C MET A 16 -15.59 -2.37 8.69
N ASP A 17 -15.85 -1.18 8.12
CA ASP A 17 -15.28 0.11 8.53
C ASP A 17 -13.74 0.15 8.59
N MET A 18 -13.05 -0.51 7.64
CA MET A 18 -11.59 -0.61 7.61
C MET A 18 -10.97 -0.45 6.20
N LEU A 19 -9.70 -0.06 6.17
CA LEU A 19 -8.87 0.10 4.98
C LEU A 19 -7.37 0.13 5.34
N GLY A 20 -6.51 -0.21 4.39
CA GLY A 20 -5.06 -0.08 4.53
C GLY A 20 -4.60 1.39 4.56
N ASN A 21 -3.62 1.67 5.41
CA ASN A 21 -2.94 2.98 5.56
C ASN A 21 -1.41 2.79 5.56
N CYS A 22 -0.92 1.83 4.78
CA CYS A 22 0.51 1.53 4.65
C CYS A 22 1.30 2.68 3.97
N GLU A 23 0.62 3.55 3.21
CA GLU A 23 1.22 4.65 2.46
C GLU A 23 2.05 5.65 3.30
N LYS A 24 1.78 5.83 4.60
CA LYS A 24 2.47 6.83 5.44
C LYS A 24 3.98 6.62 5.55
N HIS A 25 4.42 5.36 5.70
CA HIS A 25 5.83 4.96 5.69
C HIS A 25 6.49 5.15 4.32
N CYS A 26 5.72 5.10 3.24
CA CYS A 26 6.20 5.26 1.87
C CYS A 26 6.36 6.72 1.43
N GLN A 27 5.37 7.57 1.72
CA GLN A 27 5.32 8.96 1.25
C GLN A 27 6.42 9.86 1.86
N THR A 28 7.01 9.50 2.99
CA THR A 28 8.22 10.19 3.51
C THR A 28 9.43 9.98 2.59
N SER A 29 9.53 8.80 1.98
CA SER A 29 10.51 8.47 0.93
C SER A 29 9.99 8.81 -0.48
N GLY A 30 8.82 9.46 -0.57
CA GLY A 30 8.19 9.95 -1.79
C GLY A 30 7.51 8.89 -2.68
N GLU A 31 7.43 7.62 -2.27
CA GLU A 31 6.85 6.54 -3.08
C GLU A 31 5.47 6.08 -2.58
N LYS A 32 4.77 5.26 -3.39
CA LYS A 32 3.36 4.90 -3.21
C LYS A 32 3.10 3.74 -2.26
N GLY A 33 3.65 2.57 -2.59
CA GLY A 33 3.39 1.29 -1.94
C GLY A 33 2.38 0.34 -2.58
N TYR A 34 2.26 -0.81 -1.92
CA TYR A 34 1.56 -2.03 -2.27
C TYR A 34 0.95 -2.65 -1.00
N CYS A 35 -0.22 -3.28 -1.10
CA CYS A 35 -0.89 -3.94 0.02
C CYS A 35 -1.35 -5.37 -0.33
N HIS A 36 -0.96 -6.32 0.52
CA HIS A 36 -1.08 -7.77 0.30
C HIS A 36 -2.06 -8.45 1.28
N GLY A 37 -2.77 -7.65 2.09
CA GLY A 37 -3.57 -8.15 3.20
C GLY A 37 -2.72 -8.52 4.42
N THR A 38 -2.06 -9.69 4.43
CA THR A 38 -1.21 -10.08 5.57
C THR A 38 0.18 -9.40 5.57
N LYS A 39 0.56 -8.73 4.46
CA LYS A 39 1.80 -7.96 4.26
C LYS A 39 1.51 -6.57 3.62
N CYS A 40 2.53 -5.71 3.60
CA CYS A 40 2.55 -4.38 2.99
C CYS A 40 4.00 -3.93 2.75
N LYS A 41 4.30 -3.42 1.55
CA LYS A 41 5.62 -2.92 1.11
C LYS A 41 5.50 -1.62 0.30
N CYS A 42 6.45 -0.70 0.40
CA CYS A 42 6.50 0.54 -0.39
C CYS A 42 7.10 0.35 -1.80
N GLY A 43 6.80 1.26 -2.75
CA GLY A 43 7.44 1.29 -4.07
C GLY A 43 6.68 2.20 -5.05
N THR A 44 7.24 2.39 -6.25
CA THR A 44 6.66 3.20 -7.34
C THR A 44 5.50 2.43 -8.04
N PRO A 45 4.92 2.95 -9.15
CA PRO A 45 4.01 2.18 -10.00
C PRO A 45 4.65 0.93 -10.64
N LEU A 46 5.98 0.77 -10.57
CA LEU A 46 6.77 -0.39 -11.01
C LEU A 46 6.54 -0.82 -12.48
N SER A 47 6.04 0.11 -13.29
CA SER A 47 5.57 -0.07 -14.66
C SER A 47 5.53 1.29 -15.37
N TYR A 48 5.81 1.31 -16.68
CA TYR A 48 5.92 2.54 -17.48
C TYR A 48 4.56 3.19 -17.75
N GLY A 1 7.69 -20.01 -4.06
CA GLY A 1 8.31 -18.80 -4.63
C GLY A 1 7.62 -17.55 -4.13
N VAL A 2 7.99 -16.40 -4.68
CA VAL A 2 7.43 -15.08 -4.32
C VAL A 2 7.23 -14.19 -5.54
N HIS A 3 6.15 -13.40 -5.58
CA HIS A 3 5.82 -12.53 -6.71
C HIS A 3 6.85 -11.42 -6.95
N LYS A 4 7.07 -11.11 -8.24
CA LYS A 4 7.89 -10.01 -8.77
C LYS A 4 7.03 -8.79 -9.11
N MET A 5 5.85 -9.02 -9.71
CA MET A 5 4.90 -7.96 -10.06
C MET A 5 4.17 -7.42 -8.82
N ALA A 6 3.77 -6.14 -8.90
CA ALA A 6 3.25 -5.39 -7.76
C ALA A 6 2.27 -4.25 -8.13
N LYS A 7 2.43 -3.59 -9.28
CA LYS A 7 1.72 -2.35 -9.64
C LYS A 7 0.20 -2.48 -9.76
N ASN A 8 -0.27 -3.57 -10.36
CA ASN A 8 -1.66 -3.76 -10.79
C ASN A 8 -2.51 -4.50 -9.73
N GLU A 9 -2.30 -4.20 -8.45
CA GLU A 9 -2.86 -4.92 -7.29
C GLU A 9 -4.36 -4.62 -7.02
N PHE A 10 -5.08 -5.58 -6.44
CA PHE A 10 -6.51 -5.48 -6.11
C PHE A 10 -6.88 -4.41 -5.06
N GLN A 11 -8.16 -4.06 -4.98
CA GLN A 11 -8.71 -3.26 -3.87
C GLN A 11 -8.60 -4.10 -2.59
N CYS A 12 -7.97 -3.57 -1.54
CA CYS A 12 -7.55 -4.39 -0.41
C CYS A 12 -8.68 -4.87 0.53
N MET A 13 -8.52 -6.11 1.00
CA MET A 13 -9.25 -6.81 2.06
C MET A 13 -8.29 -7.87 2.62
N ALA A 14 -8.14 -7.98 3.95
CA ALA A 14 -7.05 -8.75 4.55
C ALA A 14 -7.35 -9.40 5.91
N ASN A 15 -6.48 -10.35 6.29
CA ASN A 15 -6.39 -10.96 7.62
C ASN A 15 -5.72 -10.03 8.66
N MET A 16 -5.20 -8.88 8.24
CA MET A 16 -4.62 -7.83 9.08
C MET A 16 -5.70 -7.03 9.80
N ASP A 17 -5.36 -6.50 10.98
CA ASP A 17 -6.25 -5.69 11.82
C ASP A 17 -6.56 -4.30 11.25
N MET A 18 -5.86 -3.87 10.21
CA MET A 18 -6.15 -2.67 9.40
C MET A 18 -5.72 -2.85 7.94
N LEU A 19 -6.22 -1.97 7.07
CA LEU A 19 -5.76 -1.84 5.67
C LEU A 19 -4.55 -0.91 5.56
N GLY A 20 -3.69 -1.14 4.54
CA GLY A 20 -2.61 -0.24 4.15
C GLY A 20 -1.62 0.15 5.26
N ASN A 21 -1.31 -0.74 6.20
CA ASN A 21 -0.52 -0.42 7.42
C ASN A 21 0.89 0.16 7.12
N CYS A 22 1.46 -0.13 5.95
CA CYS A 22 2.76 0.38 5.48
C CYS A 22 2.69 1.68 4.67
N GLU A 23 1.50 2.19 4.30
CA GLU A 23 1.39 3.25 3.31
C GLU A 23 2.10 4.55 3.71
N LYS A 24 1.97 5.01 4.97
CA LYS A 24 2.65 6.23 5.44
C LYS A 24 4.18 6.11 5.42
N HIS A 25 4.71 4.92 5.77
CA HIS A 25 6.14 4.58 5.70
C HIS A 25 6.68 4.58 4.26
N CYS A 26 5.87 4.25 3.25
CA CYS A 26 6.22 4.46 1.85
C CYS A 26 6.11 5.95 1.45
N GLN A 27 5.01 6.60 1.84
CA GLN A 27 4.66 7.97 1.44
C GLN A 27 5.58 9.07 1.96
N THR A 28 6.29 8.86 3.07
CA THR A 28 7.26 9.85 3.58
C THR A 28 8.46 10.02 2.61
N SER A 29 8.77 8.98 1.83
CA SER A 29 9.71 9.01 0.69
C SER A 29 8.98 9.20 -0.66
N GLY A 30 7.65 9.30 -0.67
CA GLY A 30 6.82 9.44 -1.87
C GLY A 30 6.68 8.16 -2.70
N GLU A 31 6.91 6.98 -2.13
CA GLU A 31 6.73 5.70 -2.83
C GLU A 31 5.24 5.28 -2.91
N LYS A 32 4.89 4.37 -3.83
CA LYS A 32 3.49 4.02 -4.19
C LYS A 32 2.65 3.47 -3.03
N GLY A 33 3.03 2.31 -2.49
CA GLY A 33 2.25 1.55 -1.50
C GLY A 33 1.21 0.59 -2.14
N TYR A 34 1.23 -0.66 -1.68
CA TYR A 34 0.39 -1.78 -2.12
C TYR A 34 -0.05 -2.62 -0.92
N CYS A 35 -1.27 -3.15 -0.92
CA CYS A 35 -1.87 -3.89 0.21
C CYS A 35 -2.38 -5.28 -0.23
N HIS A 36 -2.10 -6.31 0.58
CA HIS A 36 -2.33 -7.73 0.27
C HIS A 36 -3.17 -8.44 1.34
N GLY A 37 -3.50 -9.72 1.15
CA GLY A 37 -4.26 -10.51 2.15
C GLY A 37 -3.60 -10.62 3.53
N THR A 38 -2.27 -10.53 3.60
CA THR A 38 -1.44 -10.61 4.83
C THR A 38 -0.27 -9.61 4.86
N LYS A 39 0.03 -8.95 3.73
CA LYS A 39 1.25 -8.14 3.53
C LYS A 39 0.94 -6.70 3.15
N CYS A 40 1.97 -5.85 3.16
CA CYS A 40 1.93 -4.48 2.66
C CYS A 40 3.33 -4.06 2.22
N LYS A 41 3.46 -3.60 0.97
CA LYS A 41 4.74 -3.30 0.30
C LYS A 41 4.74 -1.87 -0.24
N CYS A 42 5.91 -1.27 -0.44
CA CYS A 42 6.04 -0.03 -1.20
C CYS A 42 6.28 -0.36 -2.70
N GLY A 43 6.45 0.66 -3.54
CA GLY A 43 6.90 0.53 -4.93
C GLY A 43 7.39 1.88 -5.45
N THR A 44 8.36 1.90 -6.37
CA THR A 44 9.02 3.13 -6.85
C THR A 44 8.53 3.47 -8.27
N PRO A 45 8.20 4.75 -8.56
CA PRO A 45 7.81 5.23 -9.89
C PRO A 45 8.80 4.87 -11.01
N LEU A 46 10.10 4.97 -10.75
CA LEU A 46 11.16 4.45 -11.62
C LEU A 46 11.55 3.03 -11.17
N SER A 47 11.92 2.15 -12.10
CA SER A 47 12.40 0.78 -11.79
C SER A 47 13.90 0.70 -11.44
N TYR A 48 14.47 1.81 -10.96
CA TYR A 48 15.87 2.00 -10.55
C TYR A 48 16.24 1.18 -9.30
N GLY A 1 -3.03 13.85 -7.93
CA GLY A 1 -3.93 14.11 -6.79
C GLY A 1 -4.28 12.86 -6.03
N VAL A 2 -5.19 12.03 -6.54
CA VAL A 2 -5.70 10.84 -5.82
C VAL A 2 -4.67 9.72 -5.73
N HIS A 3 -4.41 9.25 -4.50
CA HIS A 3 -3.48 8.15 -4.21
C HIS A 3 -4.10 6.78 -4.51
N LYS A 4 -3.27 5.77 -4.81
CA LYS A 4 -3.73 4.38 -4.99
C LYS A 4 -3.48 3.57 -3.72
N MET A 5 -4.56 3.00 -3.15
CA MET A 5 -4.54 2.27 -1.88
C MET A 5 -5.77 1.35 -1.73
N ALA A 6 -5.57 0.11 -1.27
CA ALA A 6 -6.65 -0.88 -1.13
C ALA A 6 -7.62 -0.58 0.03
N LYS A 7 -8.74 0.11 -0.26
CA LYS A 7 -9.83 0.36 0.69
C LYS A 7 -10.52 -0.90 1.20
N ASN A 8 -10.60 -1.98 0.41
CA ASN A 8 -11.19 -3.25 0.84
C ASN A 8 -10.44 -3.88 2.04
N GLU A 9 -9.14 -3.61 2.14
CA GLU A 9 -8.25 -4.01 3.25
C GLU A 9 -8.05 -2.88 4.28
N PHE A 10 -9.03 -1.98 4.39
CA PHE A 10 -9.07 -0.83 5.30
C PHE A 10 -7.89 0.14 5.15
N GLN A 11 -7.32 0.25 3.94
CA GLN A 11 -6.15 1.08 3.61
C GLN A 11 -4.88 0.74 4.43
N CYS A 12 -4.79 -0.50 4.91
CA CYS A 12 -3.73 -1.01 5.81
C CYS A 12 -3.62 -0.26 7.16
N MET A 13 -4.65 0.52 7.53
CA MET A 13 -4.67 1.32 8.76
C MET A 13 -4.60 0.44 10.01
N ALA A 14 -3.70 0.77 10.94
CA ALA A 14 -3.47 0.06 12.18
C ALA A 14 -4.73 0.02 13.08
N ASN A 15 -4.92 -1.11 13.75
CA ASN A 15 -5.97 -1.36 14.75
C ASN A 15 -5.40 -1.37 16.19
N MET A 16 -4.09 -1.59 16.33
CA MET A 16 -3.33 -1.71 17.59
C MET A 16 -2.31 -0.56 17.79
N ASP A 17 -2.46 0.54 17.05
CA ASP A 17 -1.64 1.76 17.11
C ASP A 17 -2.50 2.93 16.62
N MET A 18 -2.22 4.14 17.09
CA MET A 18 -2.81 5.37 16.56
C MET A 18 -1.93 6.04 15.49
N LEU A 19 -0.62 5.79 15.50
CA LEU A 19 0.33 6.26 14.46
C LEU A 19 0.30 5.35 13.22
N GLY A 20 0.96 5.79 12.14
CA GLY A 20 1.20 4.98 10.94
C GLY A 20 2.22 3.86 11.16
N ASN A 21 2.09 2.77 10.40
CA ASN A 21 2.96 1.59 10.51
C ASN A 21 3.66 1.22 9.18
N CYS A 22 2.94 1.23 8.05
CA CYS A 22 3.51 1.03 6.70
C CYS A 22 2.83 1.85 5.59
N GLU A 23 1.56 2.23 5.77
CA GLU A 23 0.67 2.81 4.76
C GLU A 23 1.09 4.19 4.22
N LYS A 24 1.97 4.90 4.94
CA LYS A 24 2.62 6.17 4.57
C LYS A 24 4.15 6.09 4.53
N HIS A 25 4.74 5.10 5.20
CA HIS A 25 6.19 4.95 5.46
C HIS A 25 7.10 5.11 4.22
N CYS A 26 6.67 4.63 3.06
CA CYS A 26 7.34 4.83 1.78
C CYS A 26 6.67 5.92 0.93
N GLN A 27 5.34 6.04 0.99
CA GLN A 27 4.55 7.09 0.33
C GLN A 27 5.06 8.52 0.63
N THR A 28 5.59 8.77 1.83
CA THR A 28 6.23 10.06 2.17
C THR A 28 7.44 10.34 1.28
N SER A 29 8.23 9.32 0.95
CA SER A 29 9.40 9.37 0.07
C SER A 29 9.05 9.36 -1.43
N GLY A 30 7.76 9.59 -1.77
CA GLY A 30 7.24 9.61 -3.14
C GLY A 30 6.96 8.24 -3.75
N GLU A 31 7.06 7.15 -2.99
CA GLU A 31 6.87 5.78 -3.47
C GLU A 31 5.37 5.41 -3.57
N LYS A 32 5.06 4.34 -4.30
CA LYS A 32 3.67 3.87 -4.54
C LYS A 32 2.93 3.47 -3.26
N GLY A 33 3.49 2.48 -2.54
CA GLY A 33 2.85 1.80 -1.42
C GLY A 33 1.75 0.83 -1.88
N TYR A 34 1.76 -0.41 -1.36
CA TYR A 34 0.84 -1.48 -1.73
C TYR A 34 0.29 -2.19 -0.48
N CYS A 35 -1.01 -2.45 -0.45
CA CYS A 35 -1.70 -3.06 0.69
C CYS A 35 -2.40 -4.38 0.33
N HIS A 36 -2.33 -5.35 1.26
CA HIS A 36 -2.86 -6.71 1.10
C HIS A 36 -3.67 -7.16 2.33
N GLY A 37 -4.40 -8.28 2.21
CA GLY A 37 -5.28 -8.80 3.27
C GLY A 37 -4.58 -9.14 4.59
N THR A 38 -3.28 -9.47 4.54
CA THR A 38 -2.41 -9.80 5.69
C THR A 38 -0.97 -9.26 5.56
N LYS A 39 -0.67 -8.49 4.50
CA LYS A 39 0.68 -8.04 4.11
C LYS A 39 0.71 -6.55 3.73
N CYS A 40 1.90 -5.99 3.50
CA CYS A 40 2.14 -4.62 3.06
C CYS A 40 3.49 -4.55 2.32
N LYS A 41 3.59 -3.76 1.25
CA LYS A 41 4.82 -3.53 0.47
C LYS A 41 4.98 -2.06 0.05
N CYS A 42 6.16 -1.71 -0.44
CA CYS A 42 6.48 -0.42 -1.07
C CYS A 42 6.83 -0.61 -2.56
N GLY A 43 6.91 0.48 -3.33
CA GLY A 43 7.34 0.45 -4.73
C GLY A 43 7.84 1.82 -5.19
N THR A 44 8.99 1.91 -5.82
CA THR A 44 9.58 3.16 -6.34
C THR A 44 8.66 3.89 -7.35
N PRO A 45 8.74 5.24 -7.49
CA PRO A 45 7.90 5.99 -8.42
C PRO A 45 8.32 5.85 -9.89
N LEU A 46 9.62 5.73 -10.18
CA LEU A 46 10.19 5.40 -11.51
C LEU A 46 9.66 6.29 -12.66
N SER A 47 9.31 7.53 -12.34
CA SER A 47 8.77 8.57 -13.24
C SER A 47 7.46 8.21 -13.97
N TYR A 48 6.70 7.18 -13.56
CA TYR A 48 5.39 6.82 -14.15
C TYR A 48 4.23 7.12 -13.22
N GLY A 1 6.18 -8.25 -15.64
CA GLY A 1 7.58 -8.68 -15.45
C GLY A 1 7.83 -8.87 -13.97
N VAL A 2 8.70 -8.06 -13.36
CA VAL A 2 8.96 -8.08 -11.90
C VAL A 2 7.70 -7.84 -11.06
N HIS A 3 6.73 -7.10 -11.60
CA HIS A 3 5.41 -6.86 -11.01
C HIS A 3 4.29 -7.19 -12.02
N LYS A 4 3.10 -7.52 -11.50
CA LYS A 4 1.90 -7.89 -12.27
C LYS A 4 0.89 -6.74 -12.48
N MET A 5 1.16 -5.57 -11.89
CA MET A 5 0.34 -4.35 -11.96
C MET A 5 -1.12 -4.58 -11.54
N ALA A 6 -1.39 -4.52 -10.23
CA ALA A 6 -2.67 -4.91 -9.64
C ALA A 6 -2.89 -4.29 -8.24
N LYS A 7 -3.29 -3.01 -8.17
CA LYS A 7 -3.69 -2.32 -6.91
C LYS A 7 -5.02 -1.57 -6.95
N ASN A 8 -5.73 -1.54 -8.08
CA ASN A 8 -6.96 -0.77 -8.28
C ASN A 8 -8.22 -1.28 -7.51
N GLU A 9 -8.10 -2.37 -6.75
CA GLU A 9 -9.17 -2.84 -5.86
C GLU A 9 -9.52 -1.85 -4.73
N PHE A 10 -10.80 -1.72 -4.41
CA PHE A 10 -11.33 -0.75 -3.43
C PHE A 10 -11.13 -1.20 -1.97
N GLN A 11 -10.64 -0.29 -1.12
CA GLN A 11 -10.47 -0.46 0.34
C GLN A 11 -9.80 -1.79 0.77
N CYS A 12 -8.69 -2.16 0.13
CA CYS A 12 -7.88 -3.36 0.39
C CYS A 12 -8.64 -4.70 0.38
N MET A 13 -9.86 -4.75 -0.14
CA MET A 13 -10.79 -5.90 -0.05
C MET A 13 -10.96 -6.46 1.38
N ALA A 14 -10.79 -5.60 2.39
CA ALA A 14 -10.72 -5.98 3.80
C ALA A 14 -11.99 -5.63 4.59
N ASN A 15 -12.31 -6.43 5.61
CA ASN A 15 -13.54 -6.30 6.40
C ASN A 15 -13.41 -5.34 7.61
N MET A 16 -12.19 -5.17 8.16
CA MET A 16 -11.89 -4.30 9.31
C MET A 16 -10.59 -3.48 9.13
N ASP A 17 -10.32 -3.09 7.89
CA ASP A 17 -9.19 -2.30 7.42
C ASP A 17 -9.56 -1.59 6.10
N MET A 18 -9.15 -0.34 5.92
CA MET A 18 -9.23 0.39 4.65
C MET A 18 -8.00 1.26 4.37
N LEU A 19 -6.94 1.16 5.19
CA LEU A 19 -5.68 1.89 5.01
C LEU A 19 -4.50 0.96 4.64
N GLY A 20 -4.60 -0.35 4.89
CA GLY A 20 -3.52 -1.32 4.71
C GLY A 20 -2.62 -1.41 5.96
N ASN A 21 -1.31 -1.22 5.81
CA ASN A 21 -0.36 -1.33 6.93
C ASN A 21 0.90 -0.45 6.83
N CYS A 22 1.24 0.11 5.66
CA CYS A 22 2.54 0.74 5.40
C CYS A 22 2.50 2.01 4.53
N GLU A 23 1.33 2.54 4.17
CA GLU A 23 1.20 3.61 3.18
C GLU A 23 1.94 4.90 3.58
N LYS A 24 1.85 5.35 4.85
CA LYS A 24 2.53 6.54 5.36
C LYS A 24 4.06 6.43 5.35
N HIS A 25 4.60 5.24 5.67
CA HIS A 25 6.03 4.93 5.56
C HIS A 25 6.53 5.03 4.11
N CYS A 26 5.76 4.51 3.15
CA CYS A 26 6.07 4.65 1.72
C CYS A 26 5.97 6.12 1.24
N GLN A 27 4.88 6.81 1.58
CA GLN A 27 4.59 8.15 1.11
C GLN A 27 5.63 9.20 1.49
N THR A 28 6.29 9.06 2.66
CA THR A 28 7.35 10.00 3.03
C THR A 28 8.63 9.77 2.21
N SER A 29 8.86 8.55 1.72
CA SER A 29 9.89 8.22 0.72
C SER A 29 9.46 8.58 -0.72
N GLY A 30 8.23 9.08 -0.91
CA GLY A 30 7.63 9.35 -2.23
C GLY A 30 7.29 8.07 -3.02
N GLU A 31 7.02 6.97 -2.32
CA GLU A 31 6.73 5.65 -2.89
C GLU A 31 5.24 5.27 -2.72
N LYS A 32 4.69 4.41 -3.58
CA LYS A 32 3.24 4.14 -3.70
C LYS A 32 2.52 3.70 -2.41
N GLY A 33 2.74 2.46 -1.99
CA GLY A 33 1.98 1.79 -0.91
C GLY A 33 0.88 0.87 -1.45
N TYR A 34 1.07 -0.44 -1.25
CA TYR A 34 0.24 -1.55 -1.74
C TYR A 34 -0.11 -2.52 -0.60
N CYS A 35 -1.39 -2.86 -0.46
CA CYS A 35 -1.89 -3.82 0.54
C CYS A 35 -2.31 -5.17 -0.09
N HIS A 36 -1.99 -6.28 0.59
CA HIS A 36 -2.24 -7.67 0.13
C HIS A 36 -2.91 -8.57 1.19
N GLY A 37 -3.34 -8.02 2.32
CA GLY A 37 -3.96 -8.74 3.43
C GLY A 37 -2.95 -9.47 4.34
N THR A 38 -2.10 -10.32 3.76
CA THR A 38 -0.96 -10.99 4.44
C THR A 38 0.35 -10.21 4.34
N LYS A 39 0.43 -9.25 3.41
CA LYS A 39 1.65 -8.47 3.07
C LYS A 39 1.32 -6.98 2.91
N CYS A 40 2.37 -6.15 2.84
CA CYS A 40 2.30 -4.73 2.49
C CYS A 40 3.64 -4.30 1.89
N LYS A 41 3.63 -3.60 0.75
CA LYS A 41 4.84 -3.18 0.01
C LYS A 41 4.74 -1.71 -0.43
N CYS A 42 5.88 -1.06 -0.57
CA CYS A 42 5.96 0.25 -1.22
C CYS A 42 6.17 0.06 -2.74
N GLY A 43 6.28 1.16 -3.50
CA GLY A 43 6.59 1.10 -4.94
C GLY A 43 7.24 2.38 -5.42
N THR A 44 8.49 2.30 -5.89
CA THR A 44 9.27 3.44 -6.37
C THR A 44 8.79 3.93 -7.74
N PRO A 45 9.11 5.18 -8.14
CA PRO A 45 8.80 5.72 -9.47
C PRO A 45 9.25 4.82 -10.64
N LEU A 46 10.38 4.12 -10.49
CA LEU A 46 10.97 3.22 -11.49
C LEU A 46 10.40 1.78 -11.48
N SER A 47 9.59 1.42 -10.48
CA SER A 47 8.82 0.17 -10.47
C SER A 47 7.68 0.27 -11.49
N TYR A 48 7.97 -0.14 -12.71
CA TYR A 48 7.16 0.04 -13.93
C TYR A 48 7.52 -1.05 -14.95
#